data_1ZG9
#
_entry.id   1ZG9
#
_cell.length_a   66.839
_cell.length_b   102.484
_cell.length_c   136.157
_cell.angle_alpha   90.00
_cell.angle_beta   90.00
_cell.angle_gamma   90.00
#
_symmetry.space_group_name_H-M   'P 21 21 21'
#
loop_
_entity.id
_entity.type
_entity.pdbx_description
1 polymer 'procarboxypeptidase B'
2 non-polymer 'ZINC ION'
3 non-polymer '5-{[AMINO(IMINO)METHYL]AMINO}-2-(SULFANYLMETHYL)PENTANOIC ACID'
4 water water
#
_entity_poly.entity_id   1
_entity_poly.type   'polypeptide(L)'
_entity_poly.pdbx_seq_one_letter_code
;TTGHSYEKYNNWETIEAWTKQVTSENPDLISRTAIGTTFLGNNIYLLKVGKPGPNKPAIFMDCGFHAREWISHAFCQWFV
REAVLTYGYESHMTEFLNKLDFYVLPVLNIDGYIYTWTKNRMWRKTRSTNAGTTCIGTDPNRNFDAGWCTTGASTDPCDE
TYCGSAAESEKETKALADFIRNNLSSIKAYLTIHSYSQMILYPYSYDYKLPENNAELNNLAKAAVKELATLYGTKYTYGP
GATTIYPAAGGSDDWAYDQGIKYSFTFELRDKGRYGFILPESQIQATCEETMLAIKYVTNYVLGHL
;
_entity_poly.pdbx_strand_id   A,B,C
#
loop_
_chem_comp.id
_chem_comp.type
_chem_comp.name
_chem_comp.formula
L06 non-polymer '5-{[AMINO(IMINO)METHYL]AMINO}-2-(SULFANYLMETHYL)PENTANOIC ACID' 'C7 H15 N3 O2 S'
ZN non-polymer 'ZINC ION' 'Zn 2'
#
# COMPACT_ATOMS: atom_id res chain seq x y z
N THR A 2 -14.61 -0.87 -31.60
CA THR A 2 -13.83 -0.62 -32.81
C THR A 2 -14.63 0.04 -33.96
N GLY A 3 -15.90 0.38 -33.71
CA GLY A 3 -16.72 1.02 -34.73
C GLY A 3 -16.39 2.49 -34.81
N HIS A 4 -16.04 2.98 -35.99
CA HIS A 4 -15.67 4.38 -36.17
C HIS A 4 -16.83 5.38 -36.03
N SER A 5 -16.53 6.51 -35.39
CA SER A 5 -17.51 7.59 -35.24
C SER A 5 -16.74 8.91 -35.41
N TYR A 6 -17.37 9.90 -36.04
CA TYR A 6 -16.72 11.18 -36.25
C TYR A 6 -16.94 12.13 -35.09
N GLU A 7 -17.83 11.77 -34.18
CA GLU A 7 -18.07 12.59 -33.01
C GLU A 7 -17.57 11.89 -31.74
N LYS A 8 -16.70 10.91 -31.93
CA LYS A 8 -16.10 10.17 -30.84
C LYS A 8 -14.64 10.08 -31.16
N TYR A 9 -13.81 9.80 -30.16
CA TYR A 9 -12.36 9.65 -30.37
C TYR A 9 -12.18 8.15 -30.69
N ASN A 10 -11.54 7.83 -31.83
CA ASN A 10 -11.31 6.46 -32.27
C ASN A 10 -9.89 5.94 -31.99
N ASN A 11 -9.78 4.72 -31.48
CA ASN A 11 -8.47 4.15 -31.17
C ASN A 11 -7.81 3.84 -32.50
N TRP A 12 -6.51 3.55 -32.44
CA TRP A 12 -5.75 3.29 -33.64
C TRP A 12 -6.28 2.20 -34.54
N GLU A 13 -6.72 1.07 -33.97
CA GLU A 13 -7.23 -0.02 -34.81
C GLU A 13 -8.46 0.45 -35.57
N THR A 14 -9.21 1.33 -34.94
CA THR A 14 -10.39 1.88 -35.58
C THR A 14 -9.96 2.85 -36.70
N ILE A 15 -8.99 3.72 -36.42
CA ILE A 15 -8.51 4.69 -37.41
C ILE A 15 -7.89 4.03 -38.61
N GLU A 16 -7.17 2.95 -38.38
CA GLU A 16 -6.55 2.20 -39.47
C GLU A 16 -7.63 1.57 -40.36
N ALA A 17 -8.63 0.97 -39.74
CA ALA A 17 -9.72 0.37 -40.49
C ALA A 17 -10.38 1.44 -41.37
N TRP A 18 -10.60 2.60 -40.77
CA TRP A 18 -11.22 3.76 -41.42
C TRP A 18 -10.38 4.23 -42.62
N THR A 19 -9.05 4.28 -42.48
CA THR A 19 -8.21 4.73 -43.59
C THR A 19 -8.48 3.83 -44.78
N LYS A 20 -8.63 2.53 -44.52
CA LYS A 20 -8.89 1.55 -45.59
C LYS A 20 -10.31 1.66 -46.17
N GLN A 21 -11.31 1.76 -45.30
CA GLN A 21 -12.67 1.88 -45.78
C GLN A 21 -12.98 3.20 -46.44
N VAL A 22 -12.49 4.31 -45.92
CA VAL A 22 -12.81 5.58 -46.55
C VAL A 22 -12.18 5.64 -47.95
N THR A 23 -11.05 4.96 -48.11
CA THR A 23 -10.33 4.91 -49.38
C THR A 23 -11.04 4.03 -50.39
N SER A 24 -11.47 2.85 -49.97
CA SER A 24 -12.18 1.97 -50.87
C SER A 24 -13.53 2.54 -51.33
N GLU A 25 -14.22 3.27 -50.47
CA GLU A 25 -15.50 3.85 -50.89
C GLU A 25 -15.36 5.07 -51.79
N ASN A 26 -14.21 5.74 -51.77
CA ASN A 26 -14.01 6.95 -52.58
C ASN A 26 -12.74 6.88 -53.43
N PRO A 27 -12.68 5.88 -54.33
CA PRO A 27 -11.52 5.67 -55.20
C PRO A 27 -11.11 6.82 -56.13
N ASP A 28 -12.10 7.63 -56.50
CA ASP A 28 -11.93 8.78 -57.38
C ASP A 28 -11.42 10.01 -56.61
N LEU A 29 -11.46 9.94 -55.28
CA LEU A 29 -11.06 11.08 -54.48
C LEU A 29 -9.93 10.83 -53.52
N ILE A 30 -9.81 9.59 -53.05
CA ILE A 30 -8.81 9.28 -52.05
C ILE A 30 -7.92 8.08 -52.39
N SER A 31 -6.63 8.22 -52.14
CA SER A 31 -5.70 7.13 -52.35
C SER A 31 -4.95 7.06 -51.05
N ARG A 32 -4.61 5.87 -50.60
CA ARG A 32 -3.92 5.72 -49.34
C ARG A 32 -2.59 5.02 -49.53
N THR A 33 -1.56 5.57 -48.87
CA THR A 33 -0.21 4.99 -48.88
C THR A 33 0.31 5.00 -47.45
N ALA A 34 1.45 4.35 -47.21
CA ALA A 34 2.10 4.34 -45.89
C ALA A 34 3.43 4.98 -46.19
N ILE A 35 3.81 6.00 -45.43
CA ILE A 35 5.08 6.65 -45.71
C ILE A 35 6.23 6.17 -44.85
N GLY A 36 5.97 5.16 -44.01
CA GLY A 36 6.99 4.58 -43.14
C GLY A 36 6.35 3.79 -42.02
N THR A 37 7.14 3.34 -41.07
CA THR A 37 6.61 2.61 -39.91
C THR A 37 7.12 3.31 -38.63
N THR A 38 6.37 3.14 -37.56
CA THR A 38 6.74 3.72 -36.26
C THR A 38 7.77 2.79 -35.60
N PHE A 39 8.36 3.25 -34.48
CA PHE A 39 9.31 2.45 -33.71
C PHE A 39 8.72 1.07 -33.39
N LEU A 40 7.40 1.01 -33.20
CA LEU A 40 6.70 -0.23 -32.86
C LEU A 40 6.02 -0.93 -34.02
N GLY A 41 6.33 -0.50 -35.22
CA GLY A 41 5.81 -1.18 -36.38
C GLY A 41 4.44 -0.89 -36.92
N ASN A 42 3.85 0.18 -36.42
CA ASN A 42 2.55 0.54 -36.90
C ASN A 42 2.76 1.27 -38.22
N ASN A 43 1.80 1.17 -39.12
CA ASN A 43 1.91 1.79 -40.42
C ASN A 43 1.51 3.26 -40.42
N ILE A 44 2.43 4.13 -40.86
CA ILE A 44 2.14 5.57 -40.92
C ILE A 44 1.41 5.88 -42.23
N TYR A 45 0.08 5.91 -42.16
CA TYR A 45 -0.74 6.19 -43.33
C TYR A 45 -0.85 7.66 -43.72
N LEU A 46 -0.95 7.86 -45.02
CA LEU A 46 -1.12 9.19 -45.61
C LEU A 46 -2.22 9.05 -46.65
N LEU A 47 -3.26 9.90 -46.58
CA LEU A 47 -4.32 9.84 -47.58
C LEU A 47 -4.10 10.98 -48.56
N LYS A 48 -4.29 10.71 -49.85
CA LYS A 48 -4.12 11.74 -50.84
C LYS A 48 -5.52 12.06 -51.31
N VAL A 49 -6.01 13.22 -50.93
CA VAL A 49 -7.36 13.63 -51.24
C VAL A 49 -7.43 14.68 -52.37
N GLY A 50 -8.18 14.37 -53.40
CA GLY A 50 -8.35 15.27 -54.53
C GLY A 50 -8.68 14.49 -55.78
N LYS A 51 -9.03 15.20 -56.83
CA LYS A 51 -9.33 14.62 -58.13
C LYS A 51 -7.98 14.44 -58.79
N PRO A 52 -7.59 13.20 -59.09
CA PRO A 52 -6.28 12.99 -59.70
C PRO A 52 -6.08 13.72 -61.03
N GLY A 53 -4.91 14.31 -61.20
CA GLY A 53 -4.61 15.02 -62.42
C GLY A 53 -3.11 15.17 -62.60
N PRO A 54 -2.66 15.68 -63.75
CA PRO A 54 -1.23 15.84 -63.93
C PRO A 54 -0.66 17.02 -63.16
N ASN A 55 0.56 16.85 -62.67
CA ASN A 55 1.32 17.90 -61.99
C ASN A 55 0.55 18.82 -61.03
N LYS A 56 -0.20 18.24 -60.10
CA LYS A 56 -0.98 19.05 -59.17
C LYS A 56 -0.23 19.57 -57.95
N PRO A 57 -0.51 20.82 -57.56
CA PRO A 57 0.11 21.43 -56.38
C PRO A 57 -0.63 20.77 -55.19
N ALA A 58 -0.08 20.91 -53.98
CA ALA A 58 -0.69 20.30 -52.82
C ALA A 58 -0.55 21.07 -51.54
N ILE A 59 -1.34 20.66 -50.56
CA ILE A 59 -1.32 21.22 -49.25
C ILE A 59 -1.14 19.98 -48.39
N PHE A 60 -0.13 20.00 -47.51
CA PHE A 60 0.15 18.90 -46.61
C PHE A 60 -0.31 19.24 -45.18
N MET A 61 -1.16 18.37 -44.62
CA MET A 61 -1.71 18.49 -43.26
C MET A 61 -1.59 17.20 -42.44
N ASP A 62 -1.07 17.33 -41.21
CA ASP A 62 -0.93 16.18 -40.32
C ASP A 62 -1.58 16.49 -39.00
N CYS A 63 -1.93 15.43 -38.29
CA CYS A 63 -2.58 15.49 -37.01
C CYS A 63 -1.90 14.39 -36.21
N GLY A 64 -2.07 14.43 -34.89
CA GLY A 64 -1.48 13.42 -34.08
C GLY A 64 0.03 13.38 -33.90
N PHE A 65 0.69 14.54 -33.88
CA PHE A 65 2.13 14.62 -33.61
C PHE A 65 2.28 14.22 -32.17
N HIS A 66 1.44 14.83 -31.32
CA HIS A 66 1.49 14.60 -29.88
C HIS A 66 0.34 13.71 -29.44
N ALA A 67 0.68 12.61 -28.77
CA ALA A 67 -0.27 11.61 -28.35
C ALA A 67 -1.58 11.99 -27.60
N ARG A 68 -1.46 12.83 -26.57
CA ARG A 68 -2.61 13.23 -25.78
C ARG A 68 -3.56 14.25 -26.37
N GLU A 69 -3.19 14.88 -27.48
CA GLU A 69 -4.03 15.90 -28.15
C GLU A 69 -5.06 15.29 -29.09
N TRP A 70 -5.95 14.49 -28.49
CA TRP A 70 -6.97 13.76 -29.22
C TRP A 70 -7.83 14.53 -30.19
N ILE A 71 -8.12 15.80 -29.93
CA ILE A 71 -8.96 16.59 -30.84
C ILE A 71 -8.28 16.77 -32.21
N SER A 72 -6.96 16.65 -32.20
CA SER A 72 -6.12 16.72 -33.39
C SER A 72 -6.48 15.57 -34.36
N HIS A 73 -6.36 14.33 -33.87
CA HIS A 73 -6.65 13.10 -34.62
C HIS A 73 -8.04 13.20 -35.19
N ALA A 74 -8.96 13.56 -34.31
CA ALA A 74 -10.36 13.72 -34.65
C ALA A 74 -10.55 14.68 -35.84
N PHE A 75 -9.81 15.78 -35.87
CA PHE A 75 -9.96 16.74 -36.96
C PHE A 75 -9.54 16.20 -38.30
N CYS A 76 -8.45 15.43 -38.35
CA CYS A 76 -8.03 14.92 -39.64
C CYS A 76 -9.12 14.06 -40.27
N GLN A 77 -9.85 13.33 -39.44
CA GLN A 77 -10.93 12.46 -39.93
C GLN A 77 -12.16 13.26 -40.37
N TRP A 78 -12.47 14.29 -39.60
CA TRP A 78 -13.59 15.16 -39.89
C TRP A 78 -13.35 15.81 -41.25
N PHE A 79 -12.11 16.27 -41.45
CA PHE A 79 -11.71 16.94 -42.68
C PHE A 79 -11.98 16.06 -43.86
N VAL A 80 -11.55 14.81 -43.79
CA VAL A 80 -11.75 13.87 -44.89
C VAL A 80 -13.23 13.64 -45.23
N ARG A 81 -14.10 13.43 -44.24
CA ARG A 81 -15.49 13.23 -44.57
C ARG A 81 -16.06 14.47 -45.26
N GLU A 82 -15.66 15.65 -44.82
CA GLU A 82 -16.15 16.89 -45.44
C GLU A 82 -15.78 16.98 -46.89
N ALA A 83 -14.53 16.63 -47.18
CA ALA A 83 -14.04 16.68 -48.54
C ALA A 83 -14.95 15.85 -49.42
N VAL A 84 -15.18 14.61 -49.01
CA VAL A 84 -16.02 13.71 -49.81
C VAL A 84 -17.54 13.91 -49.82
N LEU A 85 -18.13 14.45 -48.74
CA LEU A 85 -19.57 14.67 -48.73
C LEU A 85 -19.93 15.89 -49.56
N THR A 86 -19.03 16.86 -49.60
CA THR A 86 -19.33 18.08 -50.29
C THR A 86 -18.71 18.28 -51.66
N TYR A 87 -17.83 17.38 -52.09
CA TYR A 87 -17.27 17.53 -53.43
C TYR A 87 -18.42 17.45 -54.45
N GLY A 88 -18.46 18.41 -55.35
CA GLY A 88 -19.53 18.42 -56.31
C GLY A 88 -20.72 19.24 -55.87
N TYR A 89 -20.83 19.60 -54.58
CA TYR A 89 -21.95 20.38 -54.06
C TYR A 89 -21.58 21.75 -53.53
N GLU A 90 -20.43 21.82 -52.87
CA GLU A 90 -19.98 23.08 -52.35
C GLU A 90 -18.90 23.55 -53.31
N SER A 91 -19.10 24.73 -53.91
CA SER A 91 -18.16 25.26 -54.91
C SER A 91 -16.69 25.37 -54.55
N HIS A 92 -16.39 25.84 -53.33
CA HIS A 92 -15.01 25.99 -52.88
C HIS A 92 -14.31 24.64 -52.77
N MET A 93 -14.88 23.70 -52.02
CA MET A 93 -14.29 22.39 -51.86
C MET A 93 -14.14 21.68 -53.22
N THR A 94 -15.11 21.85 -54.11
CA THR A 94 -15.06 21.22 -55.45
C THR A 94 -13.85 21.83 -56.17
N GLU A 95 -13.70 23.13 -56.03
CA GLU A 95 -12.62 23.91 -56.60
C GLU A 95 -11.26 23.49 -55.98
N PHE A 96 -11.24 23.28 -54.66
CA PHE A 96 -10.00 22.88 -53.95
C PHE A 96 -9.54 21.53 -54.44
N LEU A 97 -10.47 20.58 -54.44
CA LEU A 97 -10.21 19.19 -54.84
C LEU A 97 -9.89 18.99 -56.32
N ASN A 98 -10.45 19.87 -57.15
CA ASN A 98 -10.15 19.80 -58.58
C ASN A 98 -8.77 20.38 -58.87
N LYS A 99 -8.45 21.47 -58.18
CA LYS A 99 -7.20 22.17 -58.36
C LYS A 99 -5.96 21.64 -57.62
N LEU A 100 -6.13 21.16 -56.39
CA LEU A 100 -5.00 20.69 -55.63
C LEU A 100 -5.24 19.36 -54.94
N ASP A 101 -4.16 18.76 -54.44
CA ASP A 101 -4.24 17.51 -53.71
C ASP A 101 -3.92 17.78 -52.27
N PHE A 102 -4.78 17.28 -51.39
CA PHE A 102 -4.64 17.41 -49.95
C PHE A 102 -3.98 16.18 -49.35
N TYR A 103 -2.76 16.32 -48.86
CA TYR A 103 -2.08 15.19 -48.21
C TYR A 103 -2.47 15.23 -46.73
N VAL A 104 -3.30 14.28 -46.33
CA VAL A 104 -3.77 14.21 -44.95
C VAL A 104 -3.09 13.06 -44.22
N LEU A 105 -2.30 13.35 -43.18
CA LEU A 105 -1.63 12.31 -42.40
C LEU A 105 -2.46 12.26 -41.10
N PRO A 106 -3.36 11.27 -41.00
CA PRO A 106 -4.25 11.08 -39.85
C PRO A 106 -3.62 11.11 -38.46
N VAL A 107 -2.57 10.32 -38.25
CA VAL A 107 -1.86 10.23 -36.97
C VAL A 107 -0.37 10.01 -37.19
N LEU A 108 0.48 10.94 -36.75
CA LEU A 108 1.92 10.76 -36.94
C LEU A 108 2.50 9.84 -35.88
N ASN A 109 2.31 10.21 -34.62
CA ASN A 109 2.80 9.46 -33.46
C ASN A 109 1.82 8.36 -33.03
N ILE A 110 1.74 7.29 -33.81
CA ILE A 110 0.85 6.19 -33.52
C ILE A 110 1.14 5.43 -32.22
N ASP A 111 2.39 5.10 -31.95
CA ASP A 111 2.77 4.36 -30.73
C ASP A 111 2.41 5.12 -29.48
N GLY A 112 2.52 6.44 -29.53
CA GLY A 112 2.16 7.25 -28.38
C GLY A 112 0.64 7.35 -28.26
N TYR A 113 -0.06 7.37 -29.38
CA TYR A 113 -1.50 7.47 -29.32
C TYR A 113 -2.04 6.23 -28.66
N ILE A 114 -1.51 5.09 -29.08
CA ILE A 114 -1.91 3.81 -28.50
C ILE A 114 -1.67 3.84 -26.97
N TYR A 115 -0.53 4.39 -26.55
CA TYR A 115 -0.18 4.46 -25.14
C TYR A 115 -1.16 5.30 -24.32
N THR A 116 -1.69 6.38 -24.89
CA THR A 116 -2.67 7.21 -24.18
C THR A 116 -4.00 6.46 -24.02
N TRP A 117 -4.23 5.49 -24.92
CA TRP A 117 -5.43 4.67 -24.89
C TRP A 117 -5.27 3.47 -23.97
N THR A 118 -4.02 3.07 -23.74
CA THR A 118 -3.77 1.90 -22.92
C THR A 118 -3.17 2.08 -21.52
N LYS A 119 -2.28 3.04 -21.35
CA LYS A 119 -1.61 3.19 -20.06
C LYS A 119 -1.60 4.55 -19.44
N ASN A 120 -1.20 5.54 -20.22
CA ASN A 120 -1.11 6.91 -19.76
C ASN A 120 -1.79 7.90 -20.76
N ARG A 121 -2.96 8.42 -20.38
CA ARG A 121 -3.73 9.37 -21.20
C ARG A 121 -3.00 10.68 -21.53
N MET A 122 -2.04 11.03 -20.68
CA MET A 122 -1.30 12.27 -20.84
C MET A 122 0.06 12.09 -21.48
N TRP A 123 0.26 10.96 -22.16
CA TRP A 123 1.52 10.70 -22.81
C TRP A 123 1.55 11.67 -24.03
N ARG A 124 2.74 12.15 -24.39
CA ARG A 124 2.95 13.12 -25.47
C ARG A 124 3.98 12.69 -26.50
N LYS A 125 5.10 12.18 -26.01
CA LYS A 125 6.22 11.77 -26.86
C LYS A 125 6.00 10.51 -27.67
N THR A 126 7.05 10.07 -28.36
CA THR A 126 7.01 8.81 -29.11
C THR A 126 7.21 7.72 -28.07
N ARG A 127 7.34 6.47 -28.50
CA ARG A 127 7.55 5.39 -27.56
C ARG A 127 8.86 4.62 -27.74
N SER A 128 9.84 5.26 -28.37
CA SER A 128 11.13 4.64 -28.59
C SER A 128 11.96 4.60 -27.32
N THR A 129 12.92 3.69 -27.31
CA THR A 129 13.81 3.54 -26.19
C THR A 129 15.00 4.50 -26.34
N ASN A 130 15.67 4.81 -25.23
CA ASN A 130 16.80 5.71 -25.22
C ASN A 130 17.95 4.99 -24.55
N ALA A 131 19.15 5.15 -25.09
CA ALA A 131 20.30 4.46 -24.52
C ALA A 131 20.66 4.98 -23.15
N GLY A 132 21.20 4.09 -22.31
CA GLY A 132 21.60 4.49 -20.98
C GLY A 132 20.51 4.94 -20.02
N THR A 133 19.25 4.61 -20.31
CA THR A 133 18.15 4.98 -19.43
C THR A 133 16.95 4.15 -19.71
N THR A 134 16.07 4.08 -18.71
CA THR A 134 14.79 3.38 -18.84
C THR A 134 13.74 4.35 -19.36
N CYS A 135 14.01 5.66 -19.29
CA CYS A 135 13.08 6.68 -19.77
C CYS A 135 12.81 6.50 -21.25
N ILE A 136 11.53 6.63 -21.59
CA ILE A 136 11.03 6.43 -22.94
C ILE A 136 10.55 7.66 -23.71
N GLY A 137 10.83 7.67 -25.01
CA GLY A 137 10.34 8.69 -25.91
C GLY A 137 11.07 9.99 -26.22
N THR A 138 10.75 10.55 -27.37
CA THR A 138 11.28 11.83 -27.87
C THR A 138 10.07 12.65 -28.27
N ASP A 139 10.14 13.96 -28.02
CA ASP A 139 9.08 14.88 -28.40
C ASP A 139 9.26 15.08 -29.90
N PRO A 140 8.36 14.49 -30.73
CA PRO A 140 8.48 14.64 -32.20
C PRO A 140 8.54 16.10 -32.67
N ASN A 141 7.95 17.01 -31.91
CA ASN A 141 8.01 18.41 -32.33
C ASN A 141 9.19 19.19 -31.80
N ARG A 142 10.21 18.46 -31.37
CA ARG A 142 11.48 19.00 -30.89
C ARG A 142 12.53 18.19 -31.65
N ASN A 143 12.10 17.40 -32.61
CA ASN A 143 13.01 16.52 -33.32
C ASN A 143 13.38 16.89 -34.74
N PHE A 144 12.84 17.98 -35.27
CA PHE A 144 13.18 18.37 -36.64
C PHE A 144 14.40 19.28 -36.71
N ASP A 145 15.06 19.29 -37.87
CA ASP A 145 16.24 20.12 -38.07
C ASP A 145 15.87 21.58 -38.26
N ALA A 146 15.58 22.26 -37.16
CA ALA A 146 15.20 23.66 -37.17
C ALA A 146 15.79 24.23 -35.89
N GLY A 147 17.06 24.60 -35.95
CA GLY A 147 17.73 25.10 -34.77
C GLY A 147 17.58 24.00 -33.74
N TRP A 148 17.84 22.77 -34.18
CA TRP A 148 17.67 21.59 -33.34
C TRP A 148 18.26 21.62 -31.93
N CYS A 149 17.37 21.48 -30.96
CA CYS A 149 17.69 21.41 -29.55
C CYS A 149 18.39 22.61 -28.94
N THR A 150 18.25 23.76 -29.58
CA THR A 150 18.89 24.98 -29.07
C THR A 150 18.07 25.72 -28.04
N THR A 151 16.76 25.71 -28.19
CA THR A 151 15.91 26.43 -27.26
C THR A 151 14.62 25.69 -27.01
N GLY A 152 14.05 25.87 -25.83
CA GLY A 152 12.79 25.23 -25.49
C GLY A 152 12.74 23.73 -25.69
N ALA A 153 13.90 23.07 -25.59
CA ALA A 153 14.01 21.62 -25.76
C ALA A 153 14.96 21.09 -24.67
N SER A 154 14.81 19.83 -24.30
CA SER A 154 15.64 19.23 -23.25
C SER A 154 16.52 18.17 -23.85
N THR A 155 17.65 17.92 -23.21
CA THR A 155 18.62 16.93 -23.69
C THR A 155 18.52 15.67 -22.85
N ASP A 156 17.55 15.66 -21.94
CA ASP A 156 17.30 14.56 -21.04
C ASP A 156 16.08 13.78 -21.51
N PRO A 157 16.25 12.48 -21.80
CA PRO A 157 15.23 11.54 -22.26
C PRO A 157 14.04 11.41 -21.32
N CYS A 158 14.27 11.75 -20.05
CA CYS A 158 13.22 11.66 -19.05
C CYS A 158 12.28 12.84 -19.04
N ASP A 159 12.59 13.85 -19.84
CA ASP A 159 11.76 15.04 -19.90
C ASP A 159 10.72 14.95 -21.00
N GLU A 160 9.62 15.68 -20.84
CA GLU A 160 8.54 15.69 -21.81
C GLU A 160 8.90 16.37 -23.12
N THR A 161 9.90 17.24 -23.07
CA THR A 161 10.32 17.93 -24.26
C THR A 161 11.70 17.49 -24.78
N TYR A 162 12.06 16.23 -24.56
CA TYR A 162 13.32 15.67 -25.03
C TYR A 162 13.36 15.83 -26.54
N CYS A 163 14.45 16.42 -27.02
CA CYS A 163 14.65 16.69 -28.42
C CYS A 163 15.20 15.53 -29.24
N GLY A 164 15.50 14.42 -28.57
CA GLY A 164 16.02 13.24 -29.26
C GLY A 164 17.53 13.14 -29.24
N SER A 165 18.08 12.01 -29.66
CA SER A 165 19.54 11.84 -29.69
C SER A 165 20.16 12.67 -30.81
N ALA A 166 19.34 13.04 -31.81
CA ALA A 166 19.72 13.87 -32.96
C ALA A 166 18.47 14.21 -33.76
N ALA A 167 18.58 15.18 -34.65
CA ALA A 167 17.43 15.57 -35.48
C ALA A 167 17.02 14.34 -36.29
N GLU A 168 15.71 14.12 -36.36
CA GLU A 168 15.17 12.99 -37.11
C GLU A 168 15.59 11.60 -36.59
N SER A 169 15.88 11.53 -35.30
CA SER A 169 16.23 10.24 -34.71
C SER A 169 15.02 9.33 -34.76
N GLU A 170 13.85 9.92 -34.60
CA GLU A 170 12.63 9.14 -34.62
C GLU A 170 12.27 8.73 -36.04
N LYS A 171 11.87 7.47 -36.21
CA LYS A 171 11.47 6.97 -37.52
C LYS A 171 10.28 7.75 -38.07
N GLU A 172 9.42 8.25 -37.19
CA GLU A 172 8.23 8.98 -37.61
C GLU A 172 8.53 10.33 -38.18
N THR A 173 9.46 11.05 -37.56
CA THR A 173 9.82 12.38 -38.05
C THR A 173 10.69 12.28 -39.30
N LYS A 174 11.50 11.23 -39.35
CA LYS A 174 12.35 10.96 -40.51
C LYS A 174 11.43 10.68 -41.69
N ALA A 175 10.45 9.82 -41.46
CA ALA A 175 9.49 9.46 -42.50
C ALA A 175 8.75 10.68 -43.00
N LEU A 176 8.25 11.50 -42.09
CA LEU A 176 7.52 12.69 -42.52
C LEU A 176 8.44 13.64 -43.30
N ALA A 177 9.65 13.85 -42.77
CA ALA A 177 10.67 14.71 -43.37
C ALA A 177 11.08 14.18 -44.74
N ASP A 178 11.20 12.87 -44.86
CA ASP A 178 11.57 12.24 -46.12
C ASP A 178 10.48 12.49 -47.16
N PHE A 179 9.23 12.32 -46.77
CA PHE A 179 8.13 12.56 -47.70
C PHE A 179 8.11 14.02 -48.16
N ILE A 180 8.18 14.96 -47.22
CA ILE A 180 8.16 16.37 -47.61
C ILE A 180 9.31 16.70 -48.56
N ARG A 181 10.51 16.23 -48.23
CA ARG A 181 11.68 16.46 -49.09
C ARG A 181 11.48 15.89 -50.48
N ASN A 182 10.85 14.71 -50.59
CA ASN A 182 10.63 14.08 -51.89
C ASN A 182 9.52 14.77 -52.70
N ASN A 183 8.72 15.63 -52.05
CA ASN A 183 7.62 16.33 -52.72
C ASN A 183 7.62 17.84 -52.63
N LEU A 184 8.77 18.46 -52.41
CA LEU A 184 8.85 19.91 -52.29
C LEU A 184 8.19 20.68 -53.44
N SER A 185 8.35 20.18 -54.64
CA SER A 185 7.83 20.81 -55.84
C SER A 185 6.33 21.04 -55.89
N SER A 186 5.55 20.15 -55.28
CA SER A 186 4.10 20.25 -55.27
C SER A 186 3.53 20.87 -54.00
N ILE A 187 4.17 20.61 -52.89
CA ILE A 187 3.73 21.13 -51.61
C ILE A 187 3.92 22.66 -51.50
N LYS A 188 2.79 23.33 -51.31
CA LYS A 188 2.73 24.78 -51.21
C LYS A 188 2.39 25.27 -49.81
N ALA A 189 1.75 24.45 -49.00
CA ALA A 189 1.44 24.88 -47.64
C ALA A 189 1.55 23.67 -46.73
N TYR A 190 2.05 23.90 -45.51
CA TYR A 190 2.19 22.87 -44.51
C TYR A 190 1.31 23.25 -43.33
N LEU A 191 0.46 22.34 -42.87
CA LEU A 191 -0.44 22.63 -41.77
C LEU A 191 -0.31 21.47 -40.78
N THR A 192 0.00 21.78 -39.51
CA THR A 192 0.19 20.76 -38.51
C THR A 192 -0.75 21.03 -37.33
N ILE A 193 -1.69 20.10 -37.12
CA ILE A 193 -2.73 20.26 -36.12
C ILE A 193 -2.39 19.75 -34.70
N HIS A 194 -2.54 20.63 -33.71
CA HIS A 194 -2.27 20.33 -32.29
C HIS A 194 -3.39 20.87 -31.41
N SER A 195 -3.22 20.74 -30.10
CA SER A 195 -4.12 21.29 -29.09
C SER A 195 -3.29 21.33 -27.80
N TYR A 196 -3.67 22.20 -26.87
CA TYR A 196 -4.79 23.12 -26.99
C TYR A 196 -4.19 24.53 -26.81
N SER A 197 -5.07 25.53 -26.72
CA SER A 197 -4.74 26.95 -26.52
C SER A 197 -5.51 27.91 -27.37
N GLN A 198 -6.01 27.43 -28.52
CA GLN A 198 -6.75 28.26 -29.45
C GLN A 198 -5.82 29.33 -30.03
N MET A 199 -4.90 28.89 -30.88
CA MET A 199 -3.93 29.76 -31.53
C MET A 199 -3.60 29.22 -32.91
N ILE A 200 -3.07 30.09 -33.79
CA ILE A 200 -2.58 29.73 -35.14
C ILE A 200 -1.18 30.33 -35.19
N LEU A 201 -0.15 29.50 -35.13
CA LEU A 201 1.22 29.97 -35.10
C LEU A 201 1.89 29.81 -36.44
N TYR A 202 2.88 30.66 -36.72
CA TYR A 202 3.64 30.57 -37.96
C TYR A 202 5.06 30.80 -37.48
N PRO A 203 6.06 30.62 -38.36
CA PRO A 203 7.47 30.79 -37.96
C PRO A 203 7.87 32.19 -37.40
N TYR A 204 8.87 32.23 -36.52
CA TYR A 204 9.63 31.06 -36.06
C TYR A 204 9.46 30.83 -34.57
N SER A 205 9.62 29.58 -34.16
CA SER A 205 9.55 29.28 -32.74
C SER A 205 10.95 29.00 -32.20
N TYR A 206 11.85 28.49 -33.04
CA TYR A 206 13.19 28.19 -32.58
C TYR A 206 13.99 29.46 -32.44
N ASP A 207 13.38 30.58 -32.83
CA ASP A 207 14.04 31.86 -32.78
C ASP A 207 13.04 32.98 -32.74
N TYR A 208 13.52 34.18 -32.43
CA TYR A 208 12.66 35.35 -32.37
C TYR A 208 12.67 36.12 -33.68
N LYS A 209 13.52 35.67 -34.59
CA LYS A 209 13.63 36.27 -35.92
C LYS A 209 12.32 35.96 -36.67
N LEU A 210 11.88 36.89 -37.51
CA LEU A 210 10.64 36.74 -38.25
C LEU A 210 10.86 36.27 -39.67
N PRO A 211 9.89 35.51 -40.21
CA PRO A 211 10.11 35.07 -41.60
C PRO A 211 9.98 36.28 -42.56
N GLU A 212 10.53 36.12 -43.76
CA GLU A 212 10.50 37.18 -44.74
C GLU A 212 9.08 37.61 -45.04
N ASN A 213 8.18 36.65 -45.07
CA ASN A 213 6.80 36.92 -45.36
C ASN A 213 5.94 36.96 -44.12
N ASN A 214 6.52 37.39 -43.00
CA ASN A 214 5.76 37.45 -41.76
C ASN A 214 4.55 38.37 -41.85
N ALA A 215 4.65 39.40 -42.68
CA ALA A 215 3.56 40.34 -42.86
C ALA A 215 2.33 39.67 -43.46
N GLU A 216 2.57 38.86 -44.50
CA GLU A 216 1.51 38.12 -45.19
C GLU A 216 0.94 37.04 -44.27
N LEU A 217 1.82 36.27 -43.66
CA LEU A 217 1.42 35.22 -42.73
C LEU A 217 0.60 35.81 -41.58
N ASN A 218 0.94 37.03 -41.14
CA ASN A 218 0.19 37.65 -40.06
C ASN A 218 -1.23 38.00 -40.52
N ASN A 219 -1.33 38.53 -41.74
CA ASN A 219 -2.61 38.93 -42.33
C ASN A 219 -3.46 37.69 -42.60
N LEU A 220 -2.82 36.67 -43.17
CA LEU A 220 -3.48 35.40 -43.46
C LEU A 220 -4.05 34.84 -42.16
N ALA A 221 -3.18 34.64 -41.16
CA ALA A 221 -3.58 34.11 -39.85
C ALA A 221 -4.70 34.91 -39.23
N LYS A 222 -4.58 36.23 -39.33
CA LYS A 222 -5.57 37.16 -38.81
C LYS A 222 -6.92 36.88 -39.46
N ALA A 223 -6.91 36.69 -40.77
CA ALA A 223 -8.16 36.46 -41.50
C ALA A 223 -8.76 35.10 -41.16
N ALA A 224 -7.90 34.11 -41.03
CA ALA A 224 -8.34 32.76 -40.69
C ALA A 224 -8.98 32.70 -39.30
N VAL A 225 -8.43 33.41 -38.29
CA VAL A 225 -9.01 33.39 -36.93
C VAL A 225 -10.36 34.13 -36.93
N LYS A 226 -10.43 35.21 -37.71
CA LYS A 226 -11.65 36.01 -37.86
C LYS A 226 -12.75 35.07 -38.39
N GLU A 227 -12.37 34.30 -39.40
CA GLU A 227 -13.23 33.31 -40.04
C GLU A 227 -13.72 32.27 -39.05
N LEU A 228 -12.79 31.69 -38.29
CA LEU A 228 -13.11 30.68 -37.28
C LEU A 228 -14.11 31.20 -36.26
N ALA A 229 -13.90 32.42 -35.81
CA ALA A 229 -14.79 33.01 -34.82
C ALA A 229 -16.22 33.20 -35.29
N THR A 230 -16.47 33.17 -36.60
CA THR A 230 -17.82 33.40 -37.13
C THR A 230 -18.86 32.34 -36.83
N LEU A 231 -18.43 31.16 -36.47
CA LEU A 231 -19.39 30.10 -36.21
C LEU A 231 -19.95 30.06 -34.78
N TYR A 232 -19.06 30.09 -33.78
CA TYR A 232 -19.42 30.01 -32.37
C TYR A 232 -18.76 31.07 -31.45
N GLY A 233 -18.01 32.00 -32.05
CA GLY A 233 -17.34 33.04 -31.27
C GLY A 233 -16.01 32.62 -30.65
N THR A 234 -15.52 31.44 -31.01
CA THR A 234 -14.27 30.97 -30.46
C THR A 234 -13.10 31.91 -30.76
N LYS A 235 -12.50 32.43 -29.70
CA LYS A 235 -11.40 33.37 -29.81
C LYS A 235 -10.03 32.70 -29.88
N TYR A 236 -9.32 32.96 -30.97
CA TYR A 236 -7.98 32.43 -31.17
C TYR A 236 -7.03 33.60 -31.25
N THR A 237 -5.79 33.34 -30.87
CA THR A 237 -4.76 34.35 -30.99
C THR A 237 -3.86 33.82 -32.09
N TYR A 238 -3.02 34.67 -32.65
CA TYR A 238 -2.14 34.22 -33.70
C TYR A 238 -0.85 35.02 -33.67
N GLY A 239 0.13 34.51 -34.40
CA GLY A 239 1.41 35.17 -34.47
C GLY A 239 2.55 34.17 -34.55
N PRO A 240 3.79 34.68 -34.57
CA PRO A 240 4.98 33.84 -34.65
C PRO A 240 5.09 33.09 -33.34
N GLY A 241 5.38 31.79 -33.42
CA GLY A 241 5.48 30.97 -32.24
C GLY A 241 6.27 31.46 -31.04
N ALA A 242 7.57 31.66 -31.22
CA ALA A 242 8.50 32.10 -30.17
C ALA A 242 7.89 33.13 -29.25
N THR A 243 7.30 34.13 -29.85
CA THR A 243 6.68 35.20 -29.12
C THR A 243 5.20 35.03 -28.84
N THR A 244 4.53 34.11 -29.54
CA THR A 244 3.09 33.89 -29.35
C THR A 244 2.73 32.80 -28.35
N ILE A 245 3.49 31.72 -28.35
CA ILE A 245 3.27 30.62 -27.42
C ILE A 245 4.53 30.56 -26.52
N TYR A 246 5.69 30.32 -27.12
CA TYR A 246 7.00 30.27 -26.42
C TYR A 246 8.02 29.74 -27.40
N PRO A 247 9.29 30.13 -27.22
CA PRO A 247 10.38 29.68 -28.10
C PRO A 247 10.56 28.18 -27.90
N ALA A 248 10.76 27.45 -28.98
CA ALA A 248 10.90 26.02 -28.91
C ALA A 248 11.56 25.58 -30.20
N ALA A 249 12.73 24.99 -30.10
CA ALA A 249 13.46 24.55 -31.27
C ALA A 249 12.95 23.19 -31.79
N GLY A 250 13.31 22.92 -33.04
CA GLY A 250 12.99 21.67 -33.71
C GLY A 250 11.56 21.35 -34.12
N GLY A 251 10.73 22.36 -34.35
CA GLY A 251 9.37 22.09 -34.74
C GLY A 251 9.27 21.87 -36.22
N SER A 252 8.31 21.07 -36.66
CA SER A 252 8.13 20.76 -38.08
C SER A 252 7.67 21.98 -38.88
N ASP A 253 6.88 22.85 -38.25
CA ASP A 253 6.42 24.04 -38.94
C ASP A 253 7.64 24.89 -39.38
N ASP A 254 8.58 25.10 -38.47
CA ASP A 254 9.77 25.88 -38.78
C ASP A 254 10.61 25.19 -39.83
N TRP A 255 10.79 23.90 -39.66
CA TRP A 255 11.55 23.10 -40.61
C TRP A 255 10.98 23.17 -42.03
N ALA A 256 9.68 22.91 -42.17
CA ALA A 256 9.01 22.94 -43.47
C ALA A 256 9.18 24.33 -44.13
N TYR A 257 8.97 25.40 -43.34
CA TYR A 257 9.13 26.76 -43.84
C TYR A 257 10.54 26.94 -44.43
N ASP A 258 11.55 26.50 -43.70
CA ASP A 258 12.91 26.64 -44.18
C ASP A 258 13.24 25.71 -45.36
N GLN A 259 12.26 24.88 -45.75
CA GLN A 259 12.40 23.99 -46.90
C GLN A 259 11.92 24.68 -48.16
N GLY A 260 11.27 25.84 -47.98
CA GLY A 260 10.75 26.59 -49.11
C GLY A 260 9.24 26.75 -49.03
N ILE A 261 8.61 25.93 -48.19
CA ILE A 261 7.16 26.01 -48.03
C ILE A 261 6.81 27.27 -47.25
N LYS A 262 6.33 28.27 -47.98
CA LYS A 262 6.01 29.58 -47.44
C LYS A 262 4.83 29.70 -46.52
N TYR A 263 3.82 28.87 -46.69
CA TYR A 263 2.65 28.91 -45.80
C TYR A 263 2.75 27.72 -44.87
N SER A 264 3.30 27.97 -43.68
CA SER A 264 3.50 26.94 -42.69
C SER A 264 2.88 27.43 -41.38
N PHE A 265 1.85 26.71 -40.93
CA PHE A 265 1.10 27.05 -39.72
C PHE A 265 0.90 25.89 -38.75
N THR A 266 0.89 26.19 -37.45
CA THR A 266 0.60 25.22 -36.42
C THR A 266 -0.73 25.67 -35.80
N PHE A 267 -1.72 24.79 -35.77
CA PHE A 267 -3.01 25.11 -35.18
C PHE A 267 -3.06 24.46 -33.82
N GLU A 268 -3.47 25.27 -32.83
CA GLU A 268 -3.65 24.82 -31.46
C GLU A 268 -5.14 24.98 -31.29
N LEU A 269 -5.86 23.87 -31.30
CA LEU A 269 -7.32 23.90 -31.17
C LEU A 269 -7.82 24.09 -29.72
N ARG A 270 -9.13 23.95 -29.55
CA ARG A 270 -9.77 24.07 -28.25
C ARG A 270 -9.17 23.10 -27.22
N ASP A 271 -9.21 23.46 -25.94
CA ASP A 271 -9.80 24.74 -25.54
C ASP A 271 -8.69 25.64 -25.01
N LYS A 272 -9.01 26.46 -24.01
CA LYS A 272 -8.06 27.39 -23.41
C LYS A 272 -7.53 26.89 -22.05
N GLY A 273 -7.86 25.66 -21.70
CA GLY A 273 -7.36 25.11 -20.45
C GLY A 273 -8.39 24.51 -19.51
N ARG A 274 -9.68 24.73 -19.73
CA ARG A 274 -10.73 24.17 -18.85
C ARG A 274 -10.75 22.65 -18.90
N TYR A 275 -10.61 22.08 -20.11
CA TYR A 275 -10.57 20.64 -20.23
C TYR A 275 -9.17 20.29 -20.71
N GLY A 276 -8.53 21.25 -21.37
CA GLY A 276 -7.18 21.01 -21.83
C GLY A 276 -7.13 19.96 -22.91
N PHE A 277 -6.33 18.93 -22.70
CA PHE A 277 -6.18 17.81 -23.66
C PHE A 277 -7.37 16.84 -23.60
N ILE A 278 -8.04 16.80 -22.43
CA ILE A 278 -9.18 15.94 -22.27
C ILE A 278 -10.41 16.71 -22.71
N LEU A 279 -10.40 17.19 -23.94
CA LEU A 279 -11.54 17.93 -24.48
C LEU A 279 -12.65 16.89 -24.71
N PRO A 280 -13.83 17.08 -24.08
CA PRO A 280 -14.91 16.13 -24.25
C PRO A 280 -15.38 15.88 -25.68
N GLU A 281 -15.86 14.68 -25.94
CA GLU A 281 -16.36 14.33 -27.26
C GLU A 281 -17.52 15.26 -27.71
N SER A 282 -18.24 15.81 -26.75
CA SER A 282 -19.36 16.68 -27.02
C SER A 282 -18.94 17.93 -27.72
N GLN A 283 -17.63 18.22 -27.71
CA GLN A 283 -17.10 19.41 -28.39
C GLN A 283 -16.42 19.12 -29.72
N ILE A 284 -16.41 17.86 -30.12
CA ILE A 284 -15.79 17.42 -31.37
C ILE A 284 -16.38 18.06 -32.61
N GLN A 285 -17.71 18.04 -32.80
CA GLN A 285 -18.23 18.67 -33.99
C GLN A 285 -18.04 20.16 -34.03
N ALA A 286 -18.32 20.85 -32.92
CA ALA A 286 -18.19 22.30 -32.89
C ALA A 286 -16.77 22.75 -33.23
N THR A 287 -15.80 22.09 -32.59
CA THR A 287 -14.39 22.36 -32.81
C THR A 287 -13.99 22.10 -34.25
N CYS A 288 -14.36 20.94 -34.77
CA CYS A 288 -14.03 20.58 -36.15
C CYS A 288 -14.69 21.48 -37.14
N GLU A 289 -15.93 21.89 -36.88
CA GLU A 289 -16.66 22.77 -37.80
C GLU A 289 -16.03 24.13 -37.92
N GLU A 290 -15.73 24.76 -36.80
CA GLU A 290 -15.09 26.08 -36.82
C GLU A 290 -13.66 26.02 -37.40
N THR A 291 -12.94 24.93 -37.14
CA THR A 291 -11.58 24.74 -37.65
C THR A 291 -11.60 24.55 -39.19
N MET A 292 -12.64 23.92 -39.71
CA MET A 292 -12.75 23.73 -41.15
C MET A 292 -12.70 25.08 -41.88
N LEU A 293 -13.44 26.05 -41.34
CA LEU A 293 -13.50 27.39 -41.93
C LEU A 293 -12.12 28.01 -42.05
N ALA A 294 -11.32 27.84 -41.00
CA ALA A 294 -9.98 28.39 -40.96
C ALA A 294 -9.08 27.72 -42.02
N ILE A 295 -9.08 26.39 -42.05
CA ILE A 295 -8.28 25.62 -42.99
C ILE A 295 -8.73 25.94 -44.42
N LYS A 296 -10.04 26.01 -44.65
CA LYS A 296 -10.57 26.34 -45.97
C LYS A 296 -10.19 27.76 -46.38
N TYR A 297 -10.17 28.70 -45.42
CA TYR A 297 -9.79 30.06 -45.72
C TYR A 297 -8.34 30.07 -46.23
N VAL A 298 -7.48 29.41 -45.48
CA VAL A 298 -6.09 29.33 -45.84
C VAL A 298 -5.95 28.64 -47.18
N THR A 299 -6.73 27.57 -47.40
CA THR A 299 -6.67 26.82 -48.66
C THR A 299 -7.00 27.70 -49.87
N ASN A 300 -8.08 28.45 -49.80
CA ASN A 300 -8.46 29.34 -50.87
C ASN A 300 -7.33 30.33 -51.17
N TYR A 301 -6.79 30.93 -50.10
CA TYR A 301 -5.69 31.89 -50.21
C TYR A 301 -4.46 31.37 -50.96
N VAL A 302 -3.97 30.21 -50.55
CA VAL A 302 -2.83 29.52 -51.16
C VAL A 302 -3.10 29.23 -52.66
N LEU A 303 -4.29 28.72 -52.93
CA LEU A 303 -4.72 28.40 -54.28
C LEU A 303 -4.67 29.70 -55.09
N GLY A 304 -5.12 30.79 -54.49
CA GLY A 304 -5.11 32.07 -55.18
C GLY A 304 -3.77 32.75 -55.14
N HIS A 305 -2.77 32.09 -54.58
CA HIS A 305 -1.43 32.66 -54.49
C HIS A 305 -0.41 31.58 -54.88
N LEU A 306 -0.65 30.92 -56.02
CA LEU A 306 0.26 29.87 -56.47
C LEU A 306 1.40 30.44 -57.35
N THR B 2 0.36 22.94 -10.06
CA THR B 2 1.81 22.86 -9.90
C THR B 2 2.25 23.85 -8.81
N GLY B 3 3.50 24.30 -8.86
CA GLY B 3 4.01 25.22 -7.86
C GLY B 3 4.44 24.41 -6.64
N HIS B 4 5.74 24.10 -6.52
CA HIS B 4 6.26 23.30 -5.38
C HIS B 4 6.44 24.02 -4.03
N SER B 5 6.03 23.37 -2.94
CA SER B 5 6.18 23.94 -1.59
C SER B 5 6.62 22.81 -0.66
N TYR B 6 7.57 23.09 0.23
CA TYR B 6 8.06 22.07 1.18
C TYR B 6 7.13 21.90 2.35
N GLU B 7 6.17 22.82 2.48
CA GLU B 7 5.19 22.75 3.56
C GLU B 7 3.79 22.43 3.08
N LYS B 8 3.70 21.82 1.90
CA LYS B 8 2.44 21.38 1.29
C LYS B 8 2.70 20.05 0.60
N TYR B 9 1.64 19.30 0.36
CA TYR B 9 1.72 18.02 -0.33
C TYR B 9 1.68 18.33 -1.83
N ASN B 10 2.68 17.87 -2.54
CA ASN B 10 2.83 18.13 -3.96
C ASN B 10 2.38 16.95 -4.80
N ASN B 11 1.71 17.21 -5.92
CA ASN B 11 1.29 16.10 -6.79
C ASN B 11 2.48 15.57 -7.59
N TRP B 12 2.31 14.46 -8.30
CA TRP B 12 3.43 13.88 -9.06
C TRP B 12 4.04 14.88 -10.04
N GLU B 13 3.20 15.52 -10.83
CA GLU B 13 3.67 16.51 -11.78
C GLU B 13 4.56 17.54 -11.11
N THR B 14 4.16 18.01 -9.92
CA THR B 14 4.95 18.98 -9.16
C THR B 14 6.27 18.35 -8.62
N ILE B 15 6.20 17.10 -8.16
CA ILE B 15 7.39 16.41 -7.64
C ILE B 15 8.41 16.12 -8.72
N GLU B 16 7.94 15.70 -9.89
CA GLU B 16 8.81 15.41 -11.01
C GLU B 16 9.58 16.65 -11.47
N ALA B 17 8.89 17.80 -11.48
CA ALA B 17 9.50 19.05 -11.89
C ALA B 17 10.49 19.52 -10.82
N TRP B 18 10.20 19.18 -9.57
CA TRP B 18 11.08 19.50 -8.46
C TRP B 18 12.38 18.69 -8.61
N THR B 19 12.27 17.42 -9.04
CA THR B 19 13.46 16.60 -9.17
C THR B 19 14.43 17.16 -10.19
N LYS B 20 13.90 17.83 -11.18
CA LYS B 20 14.71 18.44 -12.23
C LYS B 20 15.27 19.77 -11.72
N GLN B 21 14.40 20.57 -11.15
CA GLN B 21 14.76 21.86 -10.64
C GLN B 21 15.79 21.81 -9.53
N VAL B 22 15.57 20.97 -8.54
CA VAL B 22 16.50 20.89 -7.41
C VAL B 22 17.90 20.39 -7.81
N THR B 23 17.95 19.61 -8.89
CA THR B 23 19.19 19.09 -9.43
C THR B 23 19.94 20.18 -10.20
N SER B 24 19.26 20.87 -11.12
CA SER B 24 19.89 21.96 -11.85
C SER B 24 20.36 23.04 -10.89
N GLU B 25 19.62 23.28 -9.83
CA GLU B 25 19.99 24.27 -8.83
C GLU B 25 21.17 23.87 -7.95
N ASN B 26 21.48 22.57 -7.92
CA ASN B 26 22.56 22.07 -7.07
C ASN B 26 23.39 21.00 -7.79
N PRO B 27 23.96 21.36 -8.94
CA PRO B 27 24.76 20.46 -9.76
C PRO B 27 26.03 19.97 -9.11
N ASP B 28 26.45 20.62 -8.02
CA ASP B 28 27.66 20.22 -7.30
C ASP B 28 27.37 19.14 -6.24
N LEU B 29 26.10 19.02 -5.86
CA LEU B 29 25.66 18.09 -4.82
C LEU B 29 24.61 17.05 -5.27
N ILE B 30 23.93 17.27 -6.38
CA ILE B 30 22.91 16.32 -6.78
C ILE B 30 22.98 15.91 -8.25
N SER B 31 22.71 14.62 -8.49
CA SER B 31 22.61 14.00 -9.81
C SER B 31 21.28 13.28 -9.79
N ARG B 32 20.52 13.39 -10.87
CA ARG B 32 19.24 12.72 -10.98
C ARG B 32 19.21 11.65 -12.09
N THR B 33 18.57 10.52 -11.81
CA THR B 33 18.41 9.44 -12.80
C THR B 33 17.03 8.80 -12.58
N ALA B 34 16.66 7.89 -13.46
CA ALA B 34 15.42 7.15 -13.30
C ALA B 34 15.95 5.73 -13.28
N ILE B 35 15.47 4.92 -12.33
CA ILE B 35 15.90 3.53 -12.20
C ILE B 35 14.92 2.57 -12.86
N GLY B 36 13.84 3.12 -13.41
CA GLY B 36 12.85 2.29 -14.06
C GLY B 36 11.61 3.08 -14.34
N THR B 37 10.61 2.43 -14.95
CA THR B 37 9.34 3.07 -15.22
C THR B 37 8.24 2.28 -14.46
N THR B 38 7.18 2.96 -14.09
CA THR B 38 6.09 2.32 -13.37
C THR B 38 5.16 1.63 -14.36
N PHE B 39 4.17 0.90 -13.83
CA PHE B 39 3.20 0.21 -14.66
C PHE B 39 2.50 1.15 -15.68
N LEU B 40 2.28 2.39 -15.28
CA LEU B 40 1.61 3.37 -16.15
C LEU B 40 2.53 4.33 -16.87
N GLY B 41 3.82 3.97 -16.99
CA GLY B 41 4.78 4.77 -17.73
C GLY B 41 5.45 5.96 -17.06
N ASN B 42 5.27 6.10 -15.76
CA ASN B 42 5.92 7.21 -15.07
C ASN B 42 7.39 6.87 -14.79
N ASN B 43 8.23 7.89 -14.65
CA ASN B 43 9.66 7.74 -14.39
C ASN B 43 10.02 7.73 -12.89
N ILE B 44 10.68 6.64 -12.46
CA ILE B 44 11.05 6.49 -11.05
C ILE B 44 12.37 7.16 -10.89
N TYR B 45 12.34 8.42 -10.48
CA TYR B 45 13.57 9.15 -10.27
C TYR B 45 14.30 8.80 -8.97
N LEU B 46 15.60 8.95 -9.00
CA LEU B 46 16.41 8.74 -7.85
C LEU B 46 17.41 9.91 -7.84
N LEU B 47 17.54 10.57 -6.71
CA LEU B 47 18.50 11.67 -6.57
C LEU B 47 19.73 11.15 -5.81
N LYS B 48 20.91 11.45 -6.34
CA LYS B 48 22.15 11.05 -5.71
C LYS B 48 22.68 12.33 -5.08
N VAL B 49 22.55 12.41 -3.76
CA VAL B 49 22.95 13.57 -2.97
C VAL B 49 24.28 13.36 -2.24
N GLY B 50 25.26 14.21 -2.54
CA GLY B 50 26.54 14.13 -1.89
C GLY B 50 27.61 14.81 -2.72
N LYS B 51 28.73 15.13 -2.09
CA LYS B 51 29.83 15.73 -2.84
C LYS B 51 30.54 14.56 -3.55
N PRO B 52 30.60 14.62 -4.88
CA PRO B 52 31.24 13.59 -5.68
C PRO B 52 32.66 13.26 -5.23
N GLY B 53 32.88 11.95 -4.99
CA GLY B 53 34.17 11.46 -4.56
C GLY B 53 34.38 10.03 -5.00
N PRO B 54 35.59 9.47 -4.78
CA PRO B 54 35.94 8.09 -5.15
C PRO B 54 35.57 7.04 -4.09
N ASN B 55 35.09 5.90 -4.57
CA ASN B 55 34.72 4.74 -3.75
C ASN B 55 33.92 5.04 -2.48
N LYS B 56 33.00 6.01 -2.57
CA LYS B 56 32.20 6.39 -1.40
C LYS B 56 31.12 5.37 -1.04
N PRO B 57 30.94 5.08 0.26
CA PRO B 57 29.88 4.15 0.64
C PRO B 57 28.56 4.97 0.55
N ALA B 58 27.41 4.34 0.79
CA ALA B 58 26.18 5.08 0.65
C ALA B 58 25.08 4.62 1.57
N ILE B 59 24.06 5.47 1.65
CA ILE B 59 22.85 5.23 2.42
C ILE B 59 21.70 5.34 1.40
N PHE B 60 20.86 4.32 1.32
CA PHE B 60 19.73 4.37 0.40
C PHE B 60 18.45 4.70 1.18
N MET B 61 17.71 5.71 0.73
CA MET B 61 16.45 6.08 1.40
C MET B 61 15.30 6.27 0.44
N ASP B 62 14.17 5.63 0.71
CA ASP B 62 13.02 5.80 -0.17
C ASP B 62 11.76 6.24 0.56
N CYS B 63 10.90 6.94 -0.17
CA CYS B 63 9.63 7.44 0.35
C CYS B 63 8.52 7.06 -0.64
N GLY B 64 7.27 7.14 -0.21
CA GLY B 64 6.18 6.87 -1.12
C GLY B 64 5.96 5.46 -1.61
N PHE B 65 6.26 4.48 -0.79
CA PHE B 65 6.03 3.07 -1.13
C PHE B 65 4.51 2.91 -1.17
N HIS B 66 3.85 3.49 -0.16
CA HIS B 66 2.40 3.41 -0.02
C HIS B 66 1.82 4.80 -0.32
N ALA B 67 0.92 4.79 -1.30
CA ALA B 67 0.27 5.96 -1.85
C ALA B 67 -0.29 6.99 -0.87
N ARG B 68 -1.17 6.55 0.01
CA ARG B 68 -1.80 7.41 1.02
C ARG B 68 -0.95 8.04 2.13
N GLU B 69 0.30 7.57 2.27
CA GLU B 69 1.19 8.06 3.30
C GLU B 69 1.96 9.27 2.81
N TRP B 70 1.21 10.32 2.52
CA TRP B 70 1.73 11.58 1.97
C TRP B 70 2.88 12.27 2.71
N ILE B 71 2.85 12.23 4.05
CA ILE B 71 3.90 12.84 4.85
C ILE B 71 5.23 12.18 4.50
N SER B 72 5.16 10.95 4.02
CA SER B 72 6.36 10.20 3.65
C SER B 72 7.03 10.82 2.41
N HIS B 73 6.22 11.11 1.39
CA HIS B 73 6.77 11.71 0.21
C HIS B 73 7.32 13.08 0.61
N ALA B 74 6.61 13.77 1.48
CA ALA B 74 7.02 15.09 1.95
C ALA B 74 8.39 15.07 2.62
N PHE B 75 8.70 13.97 3.33
CA PHE B 75 9.98 13.87 4.02
C PHE B 75 11.21 13.87 3.11
N CYS B 76 11.20 13.04 2.07
CA CYS B 76 12.33 12.94 1.13
C CYS B 76 12.66 14.28 0.48
N GLN B 77 11.62 15.06 0.15
CA GLN B 77 11.83 16.37 -0.46
C GLN B 77 12.49 17.31 0.54
N TRP B 78 11.97 17.30 1.77
CA TRP B 78 12.49 18.12 2.87
C TRP B 78 13.95 17.79 3.16
N PHE B 79 14.27 16.50 3.24
CA PHE B 79 15.62 16.01 3.48
C PHE B 79 16.60 16.58 2.44
N VAL B 80 16.26 16.43 1.16
CA VAL B 80 17.10 16.92 0.09
C VAL B 80 17.42 18.41 0.30
N ARG B 81 16.41 19.24 0.62
CA ARG B 81 16.66 20.66 0.81
C ARG B 81 17.57 20.94 2.00
N GLU B 82 17.37 20.21 3.08
CA GLU B 82 18.20 20.43 4.24
C GLU B 82 19.66 20.14 3.95
N ALA B 83 19.89 19.08 3.18
CA ALA B 83 21.23 18.63 2.82
C ALA B 83 21.95 19.64 1.97
N VAL B 84 21.32 20.11 0.88
CA VAL B 84 22.01 21.09 0.03
C VAL B 84 22.11 22.49 0.66
N LEU B 85 21.22 22.82 1.58
CA LEU B 85 21.27 24.12 2.25
C LEU B 85 22.33 24.19 3.35
N THR B 86 22.42 23.16 4.17
CA THR B 86 23.38 23.20 5.28
C THR B 86 24.75 22.62 4.96
N TYR B 87 24.92 22.20 3.71
CA TYR B 87 26.21 21.67 3.26
C TYR B 87 27.21 22.82 3.26
N GLY B 88 28.26 22.67 4.05
CA GLY B 88 29.27 23.72 4.13
C GLY B 88 29.17 24.53 5.40
N TYR B 89 28.07 24.37 6.13
CA TYR B 89 27.86 25.13 7.35
C TYR B 89 27.65 24.29 8.58
N GLU B 90 26.82 23.26 8.45
CA GLU B 90 26.57 22.38 9.56
C GLU B 90 27.63 21.28 9.44
N SER B 91 28.49 21.16 10.45
CA SER B 91 29.60 20.20 10.42
C SER B 91 29.25 18.75 10.07
N HIS B 92 28.25 18.19 10.75
CA HIS B 92 27.84 16.84 10.45
C HIS B 92 27.35 16.65 9.03
N MET B 93 26.36 17.43 8.61
CA MET B 93 25.86 17.26 7.27
C MET B 93 26.99 17.41 6.25
N THR B 94 27.92 18.34 6.49
CA THR B 94 29.04 18.54 5.56
C THR B 94 29.86 17.26 5.55
N GLU B 95 30.04 16.69 6.73
CA GLU B 95 30.80 15.46 6.89
C GLU B 95 30.12 14.30 6.16
N PHE B 96 28.80 14.21 6.33
CA PHE B 96 27.99 13.15 5.73
C PHE B 96 28.15 13.17 4.22
N LEU B 97 27.82 14.31 3.62
CA LEU B 97 27.89 14.47 2.17
C LEU B 97 29.30 14.32 1.61
N ASN B 98 30.30 14.58 2.43
CA ASN B 98 31.70 14.44 1.98
C ASN B 98 32.14 12.97 2.00
N LYS B 99 31.71 12.25 3.03
CA LYS B 99 32.09 10.86 3.20
C LYS B 99 31.21 9.84 2.54
N LEU B 100 29.94 10.14 2.40
CA LEU B 100 29.05 9.20 1.77
C LEU B 100 28.07 9.89 0.86
N ASP B 101 27.29 9.08 0.17
CA ASP B 101 26.26 9.56 -0.75
C ASP B 101 24.92 9.07 -0.24
N PHE B 102 23.87 9.86 -0.50
CA PHE B 102 22.51 9.48 -0.15
C PHE B 102 21.78 9.28 -1.45
N TYR B 103 21.17 8.12 -1.60
CA TYR B 103 20.35 7.85 -2.76
C TYR B 103 18.92 8.07 -2.24
N VAL B 104 18.30 9.16 -2.65
CA VAL B 104 16.96 9.45 -2.20
C VAL B 104 15.96 9.19 -3.33
N LEU B 105 15.09 8.21 -3.17
CA LEU B 105 14.05 7.89 -4.17
C LEU B 105 12.80 8.56 -3.58
N PRO B 106 12.49 9.79 -4.03
CA PRO B 106 11.33 10.56 -3.53
C PRO B 106 9.95 9.86 -3.58
N VAL B 107 9.63 9.21 -4.70
CA VAL B 107 8.38 8.51 -4.77
C VAL B 107 8.54 7.19 -5.50
N LEU B 108 8.29 6.09 -4.77
CA LEU B 108 8.42 4.76 -5.36
C LEU B 108 7.14 4.38 -6.14
N ASN B 109 6.01 4.42 -5.44
CA ASN B 109 4.72 4.04 -6.00
C ASN B 109 4.02 5.28 -6.59
N ILE B 110 4.55 5.77 -7.72
CA ILE B 110 4.03 6.94 -8.41
C ILE B 110 2.61 6.79 -8.91
N ASP B 111 2.29 5.64 -9.53
CA ASP B 111 0.95 5.40 -10.03
C ASP B 111 -0.12 5.43 -8.95
N GLY B 112 0.21 4.87 -7.78
CA GLY B 112 -0.72 4.86 -6.67
C GLY B 112 -0.85 6.26 -6.09
N TYR B 113 0.25 7.03 -6.03
CA TYR B 113 0.22 8.41 -5.51
C TYR B 113 -0.68 9.29 -6.38
N ILE B 114 -0.63 9.07 -7.70
CA ILE B 114 -1.47 9.84 -8.59
C ILE B 114 -2.94 9.54 -8.27
N TYR B 115 -3.26 8.27 -8.20
CA TYR B 115 -4.61 7.82 -7.88
C TYR B 115 -5.12 8.40 -6.53
N THR B 116 -4.23 8.65 -5.57
CA THR B 116 -4.67 9.22 -4.29
C THR B 116 -5.02 10.70 -4.44
N TRP B 117 -4.40 11.33 -5.42
CA TRP B 117 -4.67 12.72 -5.72
C TRP B 117 -5.89 12.86 -6.64
N THR B 118 -6.14 11.88 -7.52
CA THR B 118 -7.25 11.97 -8.44
C THR B 118 -8.52 11.21 -8.09
N LYS B 119 -8.41 10.10 -7.38
CA LYS B 119 -9.61 9.33 -7.16
C LYS B 119 -9.89 8.74 -5.79
N ASN B 120 -8.88 8.29 -5.09
CA ASN B 120 -9.12 7.66 -3.78
C ASN B 120 -7.96 8.02 -2.85
N ARG B 121 -8.19 8.98 -1.97
CA ARG B 121 -7.18 9.47 -1.04
C ARG B 121 -6.61 8.38 -0.13
N MET B 122 -7.34 7.28 0.00
CA MET B 122 -6.93 6.18 0.87
C MET B 122 -6.34 4.97 0.17
N TRP B 123 -6.06 5.08 -1.11
CA TRP B 123 -5.45 3.98 -1.85
C TRP B 123 -4.03 3.74 -1.26
N ARG B 124 -3.60 2.49 -1.30
CA ARG B 124 -2.32 2.05 -0.76
C ARG B 124 -1.42 1.42 -1.81
N LYS B 125 -1.98 0.46 -2.55
CA LYS B 125 -1.22 -0.31 -3.53
C LYS B 125 -0.81 0.36 -4.81
N THR B 126 -0.22 -0.45 -5.69
CA THR B 126 0.15 0.04 -7.00
C THR B 126 -1.13 0.03 -7.85
N ARG B 127 -1.01 0.24 -9.16
CA ARG B 127 -2.19 0.30 -10.00
C ARG B 127 -2.17 -0.70 -11.14
N SER B 128 -1.44 -1.79 -10.97
CA SER B 128 -1.38 -2.80 -12.01
C SER B 128 -2.61 -3.69 -12.00
N THR B 129 -2.86 -4.30 -13.15
CA THR B 129 -3.99 -5.19 -13.32
C THR B 129 -3.59 -6.60 -12.86
N ASN B 130 -4.59 -7.42 -12.55
CA ASN B 130 -4.38 -8.77 -12.08
C ASN B 130 -5.30 -9.66 -12.88
N ALA B 131 -4.80 -10.82 -13.28
CA ALA B 131 -5.63 -11.74 -14.06
C ALA B 131 -6.87 -12.23 -13.28
N GLY B 132 -7.94 -12.47 -14.03
CA GLY B 132 -9.17 -12.97 -13.47
C GLY B 132 -9.92 -12.09 -12.49
N THR B 133 -9.61 -10.80 -12.46
CA THR B 133 -10.32 -9.93 -11.52
C THR B 133 -10.30 -8.47 -11.94
N THR B 134 -11.24 -7.70 -11.40
CA THR B 134 -11.36 -6.27 -11.67
C THR B 134 -10.51 -5.55 -10.60
N CYS B 135 -10.08 -6.32 -9.60
CA CYS B 135 -9.28 -5.79 -8.52
C CYS B 135 -7.92 -5.40 -9.04
N ILE B 136 -7.52 -4.17 -8.69
CA ILE B 136 -6.25 -3.58 -9.10
C ILE B 136 -5.18 -3.50 -7.98
N GLY B 137 -3.91 -3.58 -8.37
CA GLY B 137 -2.81 -3.38 -7.41
C GLY B 137 -2.28 -4.45 -6.48
N THR B 138 -0.97 -4.33 -6.25
CA THR B 138 -0.16 -5.20 -5.37
C THR B 138 0.45 -4.30 -4.31
N ASP B 139 0.61 -4.81 -3.09
CA ASP B 139 1.26 -4.02 -2.04
C ASP B 139 2.75 -4.20 -2.32
N PRO B 140 3.45 -3.10 -2.72
CA PRO B 140 4.89 -3.17 -2.98
C PRO B 140 5.69 -3.66 -1.78
N ASN B 141 5.25 -3.32 -0.55
CA ASN B 141 5.97 -3.79 0.63
C ASN B 141 5.63 -5.21 1.02
N ARG B 142 4.97 -5.95 0.15
CA ARG B 142 4.66 -7.37 0.36
C ARG B 142 5.19 -8.05 -0.90
N ASN B 143 5.80 -7.26 -1.79
CA ASN B 143 6.29 -7.77 -3.07
C ASN B 143 7.80 -8.10 -3.12
N PHE B 144 8.51 -7.92 -2.01
CA PHE B 144 9.92 -8.23 -2.02
C PHE B 144 10.22 -9.70 -1.78
N ASP B 145 11.39 -10.10 -2.25
CA ASP B 145 11.84 -11.49 -2.14
C ASP B 145 12.45 -11.78 -0.77
N ALA B 146 11.64 -11.66 0.25
CA ALA B 146 12.06 -11.90 1.62
C ALA B 146 10.90 -12.74 2.21
N GLY B 147 11.11 -14.06 2.25
CA GLY B 147 10.11 -15.00 2.73
C GLY B 147 8.87 -14.64 1.94
N TRP B 148 9.10 -14.33 0.68
CA TRP B 148 8.01 -13.89 -0.17
C TRP B 148 6.66 -14.57 0.00
N CYS B 149 5.68 -13.77 0.40
CA CYS B 149 4.28 -14.15 0.61
C CYS B 149 4.07 -15.33 1.56
N THR B 150 5.00 -15.54 2.49
CA THR B 150 4.88 -16.65 3.41
C THR B 150 4.00 -16.38 4.64
N THR B 151 3.99 -15.14 5.13
CA THR B 151 3.18 -14.86 6.30
C THR B 151 2.69 -13.43 6.32
N GLY B 152 1.51 -13.19 6.89
CA GLY B 152 0.98 -11.83 6.95
C GLY B 152 0.92 -11.09 5.62
N ALA B 153 0.36 -11.75 4.60
CA ALA B 153 0.25 -11.21 3.25
C ALA B 153 -0.89 -11.98 2.62
N SER B 154 -1.57 -11.40 1.64
CA SER B 154 -2.68 -12.11 1.06
C SER B 154 -2.41 -12.51 -0.39
N THR B 155 -2.93 -13.66 -0.78
CA THR B 155 -2.81 -14.13 -2.15
C THR B 155 -4.03 -13.65 -2.94
N ASP B 156 -4.88 -12.84 -2.30
CA ASP B 156 -6.09 -12.28 -2.93
C ASP B 156 -5.81 -10.87 -3.50
N PRO B 157 -5.96 -10.71 -4.81
CA PRO B 157 -5.76 -9.49 -5.60
C PRO B 157 -6.54 -8.32 -5.06
N CYS B 158 -7.67 -8.62 -4.43
CA CYS B 158 -8.55 -7.59 -3.89
C CYS B 158 -8.13 -7.07 -2.54
N ASP B 159 -7.19 -7.75 -1.92
CA ASP B 159 -6.74 -7.35 -0.60
C ASP B 159 -5.62 -6.32 -0.60
N GLU B 160 -5.66 -5.46 0.41
CA GLU B 160 -4.70 -4.39 0.57
C GLU B 160 -3.28 -4.87 0.79
N THR B 161 -3.13 -6.11 1.22
CA THR B 161 -1.82 -6.70 1.48
C THR B 161 -1.43 -7.79 0.47
N TYR B 162 -2.08 -7.77 -0.69
CA TYR B 162 -1.82 -8.73 -1.76
C TYR B 162 -0.33 -8.72 -2.07
N CYS B 163 0.30 -9.87 -1.94
CA CYS B 163 1.73 -9.99 -2.16
C CYS B 163 2.13 -9.99 -3.63
N GLY B 164 1.15 -10.04 -4.53
CA GLY B 164 1.46 -10.04 -5.94
C GLY B 164 1.51 -11.44 -6.50
N SER B 165 1.64 -11.51 -7.82
CA SER B 165 1.69 -12.77 -8.55
C SER B 165 2.99 -13.53 -8.41
N ALA B 166 4.04 -12.84 -8.02
CA ALA B 166 5.34 -13.45 -7.84
C ALA B 166 6.13 -12.35 -7.16
N ALA B 167 7.27 -12.69 -6.55
CA ALA B 167 8.09 -11.68 -5.91
C ALA B 167 8.63 -10.75 -7.00
N GLU B 168 8.65 -9.45 -6.72
CA GLU B 168 9.14 -8.48 -7.68
C GLU B 168 8.31 -8.47 -8.95
N SER B 169 7.02 -8.75 -8.81
CA SER B 169 6.15 -8.77 -9.95
C SER B 169 5.89 -7.34 -10.44
N GLU B 170 5.97 -6.38 -9.53
CA GLU B 170 5.73 -4.98 -9.90
C GLU B 170 7.00 -4.37 -10.50
N LYS B 171 6.84 -3.55 -11.52
CA LYS B 171 7.99 -2.90 -12.13
C LYS B 171 8.75 -2.07 -11.14
N GLU B 172 8.02 -1.40 -10.26
CA GLU B 172 8.55 -0.54 -9.21
C GLU B 172 9.49 -1.26 -8.24
N THR B 173 9.05 -2.38 -7.70
CA THR B 173 9.87 -3.15 -6.77
C THR B 173 11.06 -3.81 -7.46
N LYS B 174 10.84 -4.31 -8.68
CA LYS B 174 11.89 -4.93 -9.50
C LYS B 174 12.94 -3.86 -9.82
N ALA B 175 12.50 -2.65 -10.15
CA ALA B 175 13.42 -1.55 -10.44
C ALA B 175 14.26 -1.23 -9.19
N LEU B 176 13.61 -1.15 -8.03
CA LEU B 176 14.28 -0.89 -6.77
C LEU B 176 15.28 -2.01 -6.37
N ALA B 177 14.82 -3.25 -6.42
CA ALA B 177 15.64 -4.39 -6.09
C ALA B 177 16.81 -4.48 -7.07
N ASP B 178 16.55 -4.17 -8.34
CA ASP B 178 17.61 -4.21 -9.35
C ASP B 178 18.68 -3.17 -9.00
N PHE B 179 18.26 -1.96 -8.67
CA PHE B 179 19.21 -0.92 -8.34
C PHE B 179 20.08 -1.35 -7.17
N ILE B 180 19.46 -1.76 -6.08
CA ILE B 180 20.25 -2.15 -4.93
C ILE B 180 21.24 -3.29 -5.21
N ARG B 181 20.76 -4.36 -5.80
CA ARG B 181 21.63 -5.47 -6.14
C ARG B 181 22.83 -5.02 -6.96
N ASN B 182 22.67 -3.94 -7.72
CA ASN B 182 23.75 -3.41 -8.58
C ASN B 182 24.71 -2.50 -7.88
N ASN B 183 24.32 -2.07 -6.67
CA ASN B 183 25.10 -1.15 -5.86
C ASN B 183 25.30 -1.67 -4.46
N LEU B 184 25.32 -2.99 -4.32
CA LEU B 184 25.52 -3.66 -3.03
C LEU B 184 26.81 -3.28 -2.34
N SER B 185 27.90 -3.17 -3.09
CA SER B 185 29.19 -2.85 -2.49
C SER B 185 29.28 -1.47 -1.81
N SER B 186 28.43 -0.53 -2.22
CA SER B 186 28.46 0.81 -1.64
C SER B 186 27.46 1.07 -0.54
N ILE B 187 26.29 0.45 -0.65
CA ILE B 187 25.19 0.69 0.29
C ILE B 187 25.35 0.02 1.66
N LYS B 188 25.45 0.86 2.69
CA LYS B 188 25.67 0.42 4.08
C LYS B 188 24.41 0.47 4.90
N ALA B 189 23.45 1.29 4.48
CA ALA B 189 22.18 1.42 5.20
C ALA B 189 21.03 1.61 4.25
N TYR B 190 19.88 1.09 4.65
CA TYR B 190 18.63 1.16 3.91
C TYR B 190 17.58 1.74 4.83
N LEU B 191 17.01 2.86 4.40
CA LEU B 191 15.99 3.55 5.16
C LEU B 191 14.75 3.74 4.25
N THR B 192 13.59 3.27 4.73
CA THR B 192 12.33 3.34 3.99
C THR B 192 11.25 4.04 4.84
N ILE B 193 10.76 5.16 4.30
CA ILE B 193 9.79 6.01 4.99
C ILE B 193 8.33 5.66 4.72
N HIS B 194 7.61 5.46 5.83
CA HIS B 194 6.20 5.13 5.83
C HIS B 194 5.47 5.96 6.90
N SER B 195 4.16 5.82 6.98
CA SER B 195 3.40 6.52 8.01
C SER B 195 2.12 5.68 8.14
N TYR B 196 1.46 5.73 9.28
CA TYR B 196 1.87 6.50 10.46
C TYR B 196 1.96 5.46 11.59
N SER B 197 2.23 5.89 12.83
CA SER B 197 2.33 5.04 14.04
C SER B 197 3.40 5.50 14.96
N GLN B 198 4.37 6.26 14.42
CA GLN B 198 5.51 6.78 15.17
C GLN B 198 6.41 5.65 15.73
N MET B 199 7.05 4.93 14.83
CA MET B 199 7.96 3.88 15.22
C MET B 199 9.09 3.63 14.26
N ILE B 200 10.19 3.10 14.78
CA ILE B 200 11.35 2.75 13.96
C ILE B 200 11.43 1.25 14.09
N LEU B 201 11.30 0.56 12.97
CA LEU B 201 11.32 -0.90 12.93
C LEU B 201 12.59 -1.42 12.22
N TYR B 202 12.99 -2.64 12.53
CA TYR B 202 14.13 -3.28 11.87
C TYR B 202 13.78 -4.77 11.67
N PRO B 203 14.59 -5.49 10.88
CA PRO B 203 14.27 -6.91 10.64
C PRO B 203 14.16 -7.72 11.94
N TYR B 204 13.40 -8.82 11.93
CA TYR B 204 12.64 -9.27 10.75
C TYR B 204 11.17 -9.12 10.95
N SER B 205 10.47 -9.03 9.81
CA SER B 205 9.02 -8.98 9.80
C SER B 205 8.49 -10.28 9.20
N TYR B 206 9.21 -10.85 8.22
CA TYR B 206 8.77 -12.09 7.57
C TYR B 206 8.93 -13.32 8.44
N ASP B 207 9.70 -13.18 9.53
CA ASP B 207 9.96 -14.27 10.47
C ASP B 207 10.23 -13.72 11.86
N TYR B 208 10.10 -14.58 12.87
CA TYR B 208 10.36 -14.22 14.25
C TYR B 208 11.83 -14.32 14.64
N LYS B 209 12.65 -14.94 13.81
CA LYS B 209 14.08 -15.07 14.10
C LYS B 209 14.63 -13.65 14.22
N LEU B 210 15.57 -13.47 15.15
CA LEU B 210 16.18 -12.17 15.37
C LEU B 210 17.42 -12.06 14.51
N PRO B 211 17.72 -10.84 14.02
CA PRO B 211 18.91 -10.64 13.20
C PRO B 211 20.12 -10.71 14.10
N GLU B 212 21.24 -11.15 13.52
CA GLU B 212 22.48 -11.27 14.23
C GLU B 212 22.87 -9.99 14.96
N ASN B 213 22.64 -8.84 14.33
CA ASN B 213 23.00 -7.60 15.01
C ASN B 213 21.79 -6.98 15.74
N ASN B 214 20.90 -7.84 16.19
CA ASN B 214 19.68 -7.42 16.87
C ASN B 214 19.87 -6.37 17.97
N ALA B 215 20.73 -6.69 18.93
CA ALA B 215 21.03 -5.82 20.06
C ALA B 215 21.57 -4.48 19.57
N GLU B 216 22.48 -4.51 18.60
CA GLU B 216 23.02 -3.27 18.05
C GLU B 216 21.93 -2.44 17.38
N LEU B 217 21.02 -3.10 16.64
CA LEU B 217 19.92 -2.40 15.96
C LEU B 217 18.93 -1.78 16.96
N ASN B 218 18.60 -2.54 17.99
CA ASN B 218 17.68 -2.07 19.03
C ASN B 218 18.25 -0.89 19.82
N ASN B 219 19.57 -0.87 19.99
CA ASN B 219 20.22 0.22 20.69
C ASN B 219 20.32 1.47 19.81
N LEU B 220 20.53 1.28 18.51
CA LEU B 220 20.62 2.40 17.59
C LEU B 220 19.26 3.08 17.54
N ALA B 221 18.22 2.27 17.31
CA ALA B 221 16.84 2.72 17.22
C ALA B 221 16.44 3.42 18.49
N LYS B 222 16.82 2.84 19.63
CA LYS B 222 16.49 3.42 20.92
C LYS B 222 17.01 4.83 21.02
N ALA B 223 18.27 4.99 20.61
CA ALA B 223 18.96 6.28 20.63
C ALA B 223 18.41 7.29 19.65
N ALA B 224 17.97 6.82 18.51
CA ALA B 224 17.40 7.69 17.51
C ALA B 224 16.04 8.24 17.96
N VAL B 225 15.18 7.39 18.57
CA VAL B 225 13.88 7.88 19.03
C VAL B 225 14.04 8.90 20.16
N LYS B 226 15.07 8.71 20.97
CA LYS B 226 15.38 9.63 22.05
C LYS B 226 15.73 10.97 21.41
N GLU B 227 16.60 10.90 20.41
CA GLU B 227 17.03 12.07 19.66
C GLU B 227 15.84 12.77 18.97
N LEU B 228 14.90 12.01 18.41
CA LEU B 228 13.72 12.60 17.74
C LEU B 228 12.81 13.32 18.75
N ALA B 229 12.66 12.76 19.95
CA ALA B 229 11.81 13.38 20.97
C ALA B 229 12.37 14.70 21.54
N THR B 230 13.63 15.01 21.26
CA THR B 230 14.21 16.25 21.80
C THR B 230 13.61 17.56 21.29
N LEU B 231 13.08 17.54 20.07
CA LEU B 231 12.53 18.74 19.44
C LEU B 231 11.18 19.17 19.97
N TYR B 232 10.20 18.28 19.88
CA TYR B 232 8.85 18.61 20.29
C TYR B 232 8.27 17.57 21.20
N GLY B 233 9.11 16.68 21.72
CA GLY B 233 8.61 15.63 22.60
C GLY B 233 7.87 14.49 21.93
N THR B 234 8.04 14.34 20.62
CA THR B 234 7.36 13.25 19.92
C THR B 234 7.88 11.87 20.33
N LYS B 235 6.95 11.01 20.69
CA LYS B 235 7.29 9.68 21.18
C LYS B 235 7.18 8.55 20.20
N TYR B 236 8.33 7.88 20.00
CA TYR B 236 8.44 6.78 19.07
C TYR B 236 8.72 5.44 19.79
N THR B 237 8.15 4.37 19.25
CA THR B 237 8.36 3.03 19.76
C THR B 237 9.28 2.37 18.69
N TYR B 238 9.92 1.26 19.03
CA TYR B 238 10.83 0.61 18.08
C TYR B 238 11.01 -0.88 18.39
N GLY B 239 11.57 -1.62 17.44
CA GLY B 239 11.82 -3.03 17.65
C GLY B 239 11.79 -3.86 16.40
N PRO B 240 12.04 -5.17 16.49
CA PRO B 240 12.00 -5.95 15.23
C PRO B 240 10.57 -5.93 14.74
N GLY B 241 10.41 -5.95 13.43
CA GLY B 241 9.10 -5.85 12.81
C GLY B 241 7.98 -6.77 13.22
N ALA B 242 8.26 -8.08 13.21
CA ALA B 242 7.26 -9.08 13.54
C ALA B 242 6.69 -8.93 14.96
N THR B 243 7.50 -8.56 15.93
CA THR B 243 6.97 -8.44 17.27
C THR B 243 6.49 -7.03 17.59
N THR B 244 7.18 -6.01 17.09
CA THR B 244 6.84 -4.61 17.37
C THR B 244 5.57 -4.15 16.69
N ILE B 245 5.24 -4.85 15.61
CA ILE B 245 4.05 -4.50 14.87
C ILE B 245 3.44 -5.84 14.42
N TYR B 246 3.59 -6.23 13.17
CA TYR B 246 3.01 -7.48 12.74
C TYR B 246 3.86 -8.23 11.75
N PRO B 247 3.80 -9.57 11.80
CA PRO B 247 4.61 -10.33 10.85
C PRO B 247 3.98 -10.00 9.51
N ALA B 248 4.84 -9.80 8.52
CA ALA B 248 4.39 -9.45 7.19
C ALA B 248 5.57 -9.74 6.30
N ALA B 249 5.46 -10.71 5.42
CA ALA B 249 6.57 -11.01 4.55
C ALA B 249 6.63 -10.06 3.37
N GLY B 250 7.73 -10.15 2.61
CA GLY B 250 7.89 -9.35 1.40
C GLY B 250 8.33 -7.92 1.52
N GLY B 251 8.73 -7.49 2.72
CA GLY B 251 9.16 -6.12 2.93
C GLY B 251 10.54 -5.84 2.36
N SER B 252 10.78 -4.59 1.99
CA SER B 252 12.08 -4.16 1.44
C SER B 252 13.16 -4.07 2.52
N ASP B 253 12.78 -3.71 3.75
CA ASP B 253 13.77 -3.65 4.83
C ASP B 253 14.37 -5.05 5.12
N ASP B 254 13.52 -6.08 5.12
CA ASP B 254 13.97 -7.46 5.33
C ASP B 254 14.82 -7.89 4.13
N TRP B 255 14.32 -7.63 2.92
CA TRP B 255 15.05 -7.97 1.71
C TRP B 255 16.47 -7.37 1.68
N ALA B 256 16.57 -6.06 1.90
CA ALA B 256 17.86 -5.35 1.92
C ALA B 256 18.80 -5.91 3.00
N TYR B 257 18.26 -6.21 4.19
CA TYR B 257 19.09 -6.75 5.26
C TYR B 257 19.72 -8.09 4.83
N ASP B 258 18.92 -8.95 4.22
CA ASP B 258 19.39 -10.24 3.75
C ASP B 258 20.32 -10.11 2.58
N GLN B 259 20.35 -8.91 1.98
CA GLN B 259 21.27 -8.60 0.89
C GLN B 259 22.64 -8.27 1.52
N GLY B 260 22.63 -8.05 2.82
CA GLY B 260 23.87 -7.74 3.50
C GLY B 260 23.90 -6.31 4.00
N ILE B 261 22.77 -5.62 3.84
CA ILE B 261 22.67 -4.26 4.32
C ILE B 261 22.27 -4.34 5.80
N LYS B 262 23.29 -4.27 6.64
CA LYS B 262 23.20 -4.38 8.09
C LYS B 262 22.31 -3.42 8.83
N TYR B 263 22.28 -2.15 8.39
CA TYR B 263 21.39 -1.18 9.02
C TYR B 263 20.20 -0.94 8.10
N SER B 264 19.11 -1.63 8.40
CA SER B 264 17.90 -1.58 7.62
C SER B 264 16.74 -1.22 8.54
N PHE B 265 16.15 -0.05 8.32
CA PHE B 265 15.05 0.47 9.13
C PHE B 265 13.83 0.96 8.35
N THR B 266 12.64 0.68 8.90
CA THR B 266 11.39 1.16 8.35
C THR B 266 10.93 2.20 9.40
N PHE B 267 10.67 3.42 8.95
CA PHE B 267 10.24 4.52 9.81
C PHE B 267 8.76 4.78 9.60
N GLU B 268 7.98 4.87 10.68
CA GLU B 268 6.54 5.19 10.55
C GLU B 268 6.51 6.53 11.24
N LEU B 269 6.18 7.58 10.50
CA LEU B 269 6.14 8.95 11.04
C LEU B 269 4.83 9.24 11.74
N ARG B 270 4.56 10.52 12.00
CA ARG B 270 3.32 10.99 12.67
C ARG B 270 2.05 10.71 11.85
N ASP B 271 0.89 10.60 12.50
CA ASP B 271 0.77 10.69 13.95
C ASP B 271 0.48 9.30 14.52
N LYS B 272 -0.31 9.25 15.57
CA LYS B 272 -0.60 7.97 16.15
C LYS B 272 -2.00 7.54 15.82
N GLY B 273 -2.72 8.35 15.06
CA GLY B 273 -4.05 7.95 14.68
C GLY B 273 -5.05 9.06 14.60
N ARG B 274 -4.79 10.18 15.28
CA ARG B 274 -5.68 11.36 15.28
C ARG B 274 -6.07 11.80 13.85
N TYR B 275 -5.07 11.91 12.99
CA TYR B 275 -5.32 12.29 11.60
C TYR B 275 -5.01 11.11 10.70
N GLY B 276 -4.18 10.19 11.19
CA GLY B 276 -3.83 9.00 10.44
C GLY B 276 -3.00 9.33 9.21
N PHE B 277 -3.48 8.90 8.03
CA PHE B 277 -2.78 9.16 6.77
C PHE B 277 -2.98 10.56 6.32
N ILE B 278 -4.05 11.17 6.84
CA ILE B 278 -4.39 12.53 6.46
C ILE B 278 -3.72 13.56 7.38
N LEU B 279 -2.41 13.45 7.56
CA LEU B 279 -1.71 14.41 8.40
C LEU B 279 -1.84 15.83 7.80
N PRO B 280 -2.32 16.80 8.60
CA PRO B 280 -2.46 18.15 8.07
C PRO B 280 -1.14 18.73 7.59
N GLU B 281 -1.21 19.57 6.57
CA GLU B 281 0.00 20.21 6.04
C GLU B 281 0.66 21.08 7.11
N SER B 282 -0.11 21.55 8.07
CA SER B 282 0.44 22.39 9.14
C SER B 282 1.51 21.62 9.94
N GLN B 283 1.42 20.28 9.92
CA GLN B 283 2.37 19.40 10.62
C GLN B 283 3.58 18.93 9.83
N ILE B 284 3.69 19.36 8.59
CA ILE B 284 4.83 18.93 7.77
C ILE B 284 6.20 19.40 8.27
N GLN B 285 6.39 20.71 8.50
CA GLN B 285 7.72 21.13 8.94
C GLN B 285 8.14 20.57 10.28
N ALA B 286 7.24 20.52 11.26
CA ALA B 286 7.58 19.96 12.57
C ALA B 286 7.90 18.45 12.45
N THR B 287 7.08 17.71 11.71
CA THR B 287 7.32 16.28 11.51
C THR B 287 8.66 16.05 10.80
N CYS B 288 8.90 16.79 9.72
CA CYS B 288 10.12 16.66 8.97
C CYS B 288 11.39 17.03 9.74
N GLU B 289 11.32 18.05 10.58
CA GLU B 289 12.47 18.46 11.36
C GLU B 289 12.88 17.43 12.42
N GLU B 290 11.92 16.86 13.15
CA GLU B 290 12.24 15.86 14.17
C GLU B 290 12.77 14.57 13.48
N THR B 291 12.17 14.20 12.34
CA THR B 291 12.56 13.03 11.58
C THR B 291 14.00 13.19 11.09
N MET B 292 14.37 14.40 10.73
CA MET B 292 15.72 14.71 10.28
C MET B 292 16.70 14.34 11.39
N LEU B 293 16.34 14.62 12.64
CA LEU B 293 17.23 14.32 13.75
C LEU B 293 17.53 12.82 13.85
N ALA B 294 16.49 12.00 13.73
CA ALA B 294 16.67 10.58 13.80
C ALA B 294 17.49 10.09 12.60
N ILE B 295 17.16 10.56 11.41
CA ILE B 295 17.89 10.13 10.21
C ILE B 295 19.37 10.51 10.27
N LYS B 296 19.66 11.70 10.79
CA LYS B 296 21.05 12.12 10.91
C LYS B 296 21.76 11.34 12.01
N TYR B 297 21.04 11.01 13.08
CA TYR B 297 21.60 10.24 14.18
C TYR B 297 22.08 8.90 13.59
N VAL B 298 21.17 8.23 12.85
CA VAL B 298 21.43 6.95 12.18
C VAL B 298 22.58 7.05 11.15
N THR B 299 22.65 8.17 10.44
CA THR B 299 23.68 8.35 9.44
C THR B 299 25.04 8.50 10.10
N ASN B 300 25.06 9.21 11.20
CA ASN B 300 26.30 9.44 11.90
C ASN B 300 26.81 8.14 12.49
N TYR B 301 25.89 7.30 12.95
CA TYR B 301 26.31 6.03 13.51
C TYR B 301 26.96 5.19 12.42
N VAL B 302 26.27 5.03 11.31
CA VAL B 302 26.73 4.26 10.15
C VAL B 302 28.10 4.69 9.66
N LEU B 303 28.38 6.00 9.72
CA LEU B 303 29.67 6.54 9.28
C LEU B 303 30.83 5.99 10.08
N GLY B 304 30.60 5.72 11.36
CA GLY B 304 31.66 5.21 12.18
C GLY B 304 31.49 3.73 12.41
N HIS B 305 30.89 3.02 11.47
CA HIS B 305 30.68 1.59 11.64
C HIS B 305 30.60 0.87 10.31
N LEU B 306 31.28 1.43 9.29
CA LEU B 306 31.28 0.83 7.95
C LEU B 306 32.58 0.06 7.65
N THR C 2 -30.48 -29.49 23.22
CA THR C 2 -31.07 -28.26 23.75
C THR C 2 -30.27 -27.00 23.33
N GLY C 3 -31.00 -25.94 22.97
CA GLY C 3 -30.39 -24.70 22.52
C GLY C 3 -29.43 -24.08 23.51
N HIS C 4 -28.16 -23.98 23.10
CA HIS C 4 -27.12 -23.40 23.94
C HIS C 4 -27.36 -21.91 24.19
N SER C 5 -26.96 -21.45 25.38
CA SER C 5 -27.09 -20.06 25.72
C SER C 5 -25.99 -19.71 26.70
N TYR C 6 -25.43 -18.50 26.56
CA TYR C 6 -24.37 -18.01 27.44
C TYR C 6 -24.91 -17.37 28.72
N GLU C 7 -26.22 -17.14 28.77
CA GLU C 7 -26.85 -16.53 29.94
C GLU C 7 -27.75 -17.50 30.70
N LYS C 8 -27.40 -18.78 30.59
CA LYS C 8 -28.13 -19.82 31.27
C LYS C 8 -27.17 -21.00 31.32
N TYR C 9 -27.26 -21.77 32.41
CA TYR C 9 -26.40 -22.94 32.62
C TYR C 9 -26.84 -24.05 31.66
N ASN C 10 -25.88 -24.58 30.91
CA ASN C 10 -26.15 -25.62 29.91
C ASN C 10 -25.72 -27.01 30.37
N ASN C 11 -26.47 -28.03 30.01
CA ASN C 11 -26.10 -29.36 30.43
C ASN C 11 -24.88 -29.79 29.63
N TRP C 12 -24.27 -30.91 30.00
CA TRP C 12 -23.08 -31.35 29.31
C TRP C 12 -23.35 -31.57 27.84
N GLU C 13 -24.46 -32.22 27.53
CA GLU C 13 -24.87 -32.50 26.16
C GLU C 13 -24.75 -31.23 25.29
N THR C 14 -25.36 -30.15 25.76
CA THR C 14 -25.36 -28.86 25.09
C THR C 14 -23.96 -28.25 25.01
N ILE C 15 -23.14 -28.41 26.06
CA ILE C 15 -21.79 -27.86 26.11
C ILE C 15 -20.88 -28.61 25.15
N GLU C 16 -20.94 -29.95 25.18
CA GLU C 16 -20.12 -30.73 24.27
C GLU C 16 -20.39 -30.27 22.85
N ALA C 17 -21.66 -30.27 22.48
CA ALA C 17 -22.10 -29.85 21.15
C ALA C 17 -21.61 -28.43 20.81
N TRP C 18 -21.65 -27.54 21.80
CA TRP C 18 -21.21 -26.16 21.63
C TRP C 18 -19.74 -26.07 21.33
N THR C 19 -18.89 -26.83 22.03
CA THR C 19 -17.45 -26.79 21.77
C THR C 19 -17.25 -27.10 20.28
N LYS C 20 -18.14 -27.94 19.76
CA LYS C 20 -18.12 -28.33 18.36
C LYS C 20 -18.60 -27.23 17.44
N GLN C 21 -19.76 -26.65 17.74
CA GLN C 21 -20.30 -25.56 16.92
C GLN C 21 -19.37 -24.37 16.92
N VAL C 22 -19.03 -23.87 18.11
CA VAL C 22 -18.17 -22.72 18.21
C VAL C 22 -16.82 -22.90 17.53
N THR C 23 -16.30 -24.12 17.51
CA THR C 23 -15.04 -24.38 16.84
C THR C 23 -15.21 -24.27 15.31
N SER C 24 -16.22 -24.95 14.79
CA SER C 24 -16.50 -24.94 13.36
C SER C 24 -16.76 -23.52 12.93
N GLU C 25 -17.54 -22.81 13.72
CA GLU C 25 -17.86 -21.43 13.42
C GLU C 25 -16.65 -20.51 13.39
N ASN C 26 -15.67 -20.79 14.24
CA ASN C 26 -14.49 -19.96 14.31
C ASN C 26 -13.23 -20.77 14.07
N PRO C 27 -13.09 -21.36 12.87
CA PRO C 27 -11.94 -22.18 12.50
C PRO C 27 -10.69 -21.32 12.32
N ASP C 28 -10.90 -20.02 12.44
CA ASP C 28 -9.86 -19.01 12.30
C ASP C 28 -9.38 -18.57 13.68
N LEU C 29 -9.97 -19.13 14.72
CA LEU C 29 -9.63 -18.69 16.04
C LEU C 29 -9.74 -19.80 17.07
N ILE C 30 -10.47 -20.85 16.73
CA ILE C 30 -10.68 -21.94 17.68
C ILE C 30 -10.34 -23.33 17.14
N SER C 31 -9.73 -24.14 18.00
CA SER C 31 -9.35 -25.51 17.68
C SER C 31 -9.75 -26.32 18.91
N ARG C 32 -10.27 -27.52 18.68
CA ARG C 32 -10.72 -28.38 19.76
C ARG C 32 -10.16 -29.81 19.71
N THR C 33 -9.76 -30.32 20.88
CA THR C 33 -9.21 -31.65 21.07
C THR C 33 -9.78 -32.25 22.35
N ALA C 34 -9.48 -33.51 22.59
CA ALA C 34 -9.91 -34.16 23.81
C ALA C 34 -8.56 -34.57 24.40
N ILE C 35 -8.25 -34.12 25.62
CA ILE C 35 -6.98 -34.45 26.23
C ILE C 35 -7.03 -35.77 26.99
N GLY C 36 -8.15 -36.48 26.85
CA GLY C 36 -8.29 -37.73 27.58
C GLY C 36 -9.73 -38.07 27.87
N THR C 37 -9.94 -39.05 28.73
CA THR C 37 -11.27 -39.52 29.03
C THR C 37 -11.59 -39.57 30.52
N THR C 38 -12.86 -39.37 30.85
CA THR C 38 -13.31 -39.37 32.23
C THR C 38 -13.52 -40.79 32.70
N PHE C 39 -13.69 -40.96 34.00
CA PHE C 39 -13.93 -42.28 34.56
C PHE C 39 -15.06 -42.98 33.82
N LEU C 40 -16.11 -42.23 33.50
CA LEU C 40 -17.26 -42.80 32.80
C LEU C 40 -17.14 -42.87 31.26
N GLY C 41 -15.99 -42.46 30.71
CA GLY C 41 -15.79 -42.49 29.27
C GLY C 41 -16.05 -41.22 28.46
N ASN C 42 -16.43 -40.12 29.09
CA ASN C 42 -16.66 -38.92 28.30
C ASN C 42 -15.32 -38.29 27.93
N ASN C 43 -15.26 -37.60 26.80
CA ASN C 43 -14.01 -36.97 26.37
C ASN C 43 -13.85 -35.63 27.04
N ILE C 44 -12.64 -35.35 27.47
CA ILE C 44 -12.33 -34.09 28.12
C ILE C 44 -11.89 -33.14 27.03
N TYR C 45 -12.78 -32.25 26.63
CA TYR C 45 -12.47 -31.30 25.57
C TYR C 45 -11.63 -30.12 26.01
N LEU C 46 -10.76 -29.70 25.09
CA LEU C 46 -9.91 -28.54 25.29
C LEU C 46 -10.06 -27.66 24.02
N LEU C 47 -10.20 -26.37 24.21
CA LEU C 47 -10.33 -25.47 23.08
C LEU C 47 -9.12 -24.57 23.13
N LYS C 48 -8.41 -24.47 22.00
CA LYS C 48 -7.23 -23.61 21.88
C LYS C 48 -7.74 -22.38 21.14
N VAL C 49 -7.85 -21.28 21.86
CA VAL C 49 -8.36 -20.03 21.32
C VAL C 49 -7.21 -19.08 21.03
N GLY C 50 -7.17 -18.60 19.79
CA GLY C 50 -6.15 -17.66 19.38
C GLY C 50 -5.88 -17.76 17.89
N LYS C 51 -5.40 -16.66 17.32
CA LYS C 51 -5.03 -16.57 15.91
C LYS C 51 -3.82 -17.49 15.82
N PRO C 52 -3.97 -18.66 15.18
CA PRO C 52 -2.85 -19.58 15.05
C PRO C 52 -1.54 -18.88 14.71
N GLY C 53 -0.44 -19.45 15.19
CA GLY C 53 0.88 -18.90 14.92
C GLY C 53 1.95 -19.55 15.79
N PRO C 54 3.17 -19.73 15.25
CA PRO C 54 4.23 -20.34 16.06
C PRO C 54 4.95 -19.35 16.97
N ASN C 55 5.82 -19.90 17.82
CA ASN C 55 6.65 -19.17 18.79
C ASN C 55 5.90 -18.47 19.91
N LYS C 56 4.57 -18.58 19.89
CA LYS C 56 3.72 -17.95 20.91
C LYS C 56 3.49 -18.75 22.20
N PRO C 57 3.55 -18.07 23.34
CA PRO C 57 3.34 -18.71 24.63
C PRO C 57 1.85 -19.03 24.79
N ALA C 58 1.40 -19.18 26.04
CA ALA C 58 0.00 -19.48 26.27
C ALA C 58 -0.44 -19.19 27.69
N ILE C 59 -1.71 -19.46 27.92
CA ILE C 59 -2.36 -19.31 29.20
C ILE C 59 -3.36 -20.45 29.20
N PHE C 60 -3.31 -21.27 30.23
CA PHE C 60 -4.21 -22.42 30.35
C PHE C 60 -5.30 -22.06 31.37
N MET C 61 -6.55 -22.29 31.01
CA MET C 61 -7.65 -21.98 31.89
C MET C 61 -8.68 -23.10 31.87
N ASP C 62 -8.98 -23.61 33.05
CA ASP C 62 -9.96 -24.67 33.15
C ASP C 62 -11.06 -24.24 34.09
N CYS C 63 -12.22 -24.85 33.91
CA CYS C 63 -13.40 -24.58 34.70
C CYS C 63 -14.01 -25.95 34.98
N GLY C 64 -15.00 -25.95 35.90
CA GLY C 64 -15.70 -27.16 36.23
C GLY C 64 -14.92 -28.29 36.90
N PHE C 65 -13.92 -27.93 37.72
CA PHE C 65 -13.17 -28.93 38.49
C PHE C 65 -14.21 -29.60 39.42
N HIS C 66 -15.01 -28.75 40.07
CA HIS C 66 -16.06 -29.15 40.99
C HIS C 66 -17.45 -29.08 40.43
N ALA C 67 -18.11 -30.23 40.44
CA ALA C 67 -19.45 -30.38 39.88
C ALA C 67 -20.51 -29.30 40.09
N ARG C 68 -20.71 -28.92 41.36
CA ARG C 68 -21.75 -27.97 41.75
C ARG C 68 -21.43 -26.51 41.46
N GLU C 69 -20.21 -26.24 41.09
CA GLU C 69 -19.83 -24.86 40.85
C GLU C 69 -20.14 -24.43 39.42
N TRP C 70 -21.43 -24.40 39.15
CA TRP C 70 -22.02 -24.07 37.84
C TRP C 70 -21.57 -22.79 37.18
N ILE C 71 -21.42 -21.71 37.96
CA ILE C 71 -20.97 -20.44 37.40
C ILE C 71 -19.55 -20.57 36.81
N SER C 72 -18.78 -21.54 37.29
CA SER C 72 -17.43 -21.77 36.78
C SER C 72 -17.52 -22.23 35.33
N HIS C 73 -18.32 -23.26 35.09
CA HIS C 73 -18.51 -23.81 33.75
C HIS C 73 -19.00 -22.72 32.79
N ALA C 74 -19.95 -21.92 33.28
CA ALA C 74 -20.51 -20.83 32.52
C ALA C 74 -19.44 -19.87 32.11
N PHE C 75 -18.55 -19.50 33.03
CA PHE C 75 -17.49 -18.56 32.73
C PHE C 75 -16.55 -19.02 31.63
N CYS C 76 -16.19 -20.30 31.55
CA CYS C 76 -15.31 -20.71 30.46
C CYS C 76 -15.98 -20.48 29.12
N GLN C 77 -17.28 -20.76 29.06
CA GLN C 77 -18.03 -20.53 27.83
C GLN C 77 -18.07 -19.02 27.50
N TRP C 78 -18.32 -18.17 28.50
CA TRP C 78 -18.40 -16.73 28.27
C TRP C 78 -17.09 -16.20 27.74
N PHE C 79 -15.98 -16.63 28.32
CA PHE C 79 -14.68 -16.19 27.88
C PHE C 79 -14.62 -16.34 26.36
N VAL C 80 -14.92 -17.56 25.88
CA VAL C 80 -14.88 -17.87 24.45
C VAL C 80 -15.77 -16.97 23.59
N ARG C 81 -17.04 -16.77 23.97
CA ARG C 81 -17.92 -15.92 23.18
C ARG C 81 -17.30 -14.51 23.08
N GLU C 82 -16.93 -13.97 24.24
CA GLU C 82 -16.34 -12.65 24.36
C GLU C 82 -15.07 -12.58 23.54
N ALA C 83 -14.35 -13.69 23.42
CA ALA C 83 -13.14 -13.74 22.62
C ALA C 83 -13.49 -13.58 21.14
N VAL C 84 -14.58 -14.20 20.71
CA VAL C 84 -14.98 -14.12 19.30
C VAL C 84 -15.58 -12.78 18.88
N LEU C 85 -16.64 -12.34 19.55
CA LEU C 85 -17.26 -11.07 19.17
C LEU C 85 -16.44 -9.82 19.55
N THR C 86 -15.21 -10.03 20.01
CA THR C 86 -14.29 -8.96 20.42
C THR C 86 -13.00 -8.91 19.57
N TYR C 87 -12.54 -10.06 19.11
CA TYR C 87 -11.34 -10.10 18.31
C TYR C 87 -11.64 -9.35 17.01
N GLY C 88 -10.73 -8.49 16.60
CA GLY C 88 -10.94 -7.71 15.41
C GLY C 88 -11.86 -6.53 15.70
N TYR C 89 -12.23 -6.34 16.97
CA TYR C 89 -13.11 -5.24 17.35
C TYR C 89 -12.53 -4.42 18.47
N GLU C 90 -11.93 -5.10 19.43
CA GLU C 90 -11.35 -4.46 20.60
C GLU C 90 -9.83 -4.62 20.48
N SER C 91 -9.12 -3.50 20.59
CA SER C 91 -7.65 -3.44 20.47
C SER C 91 -6.84 -4.51 21.20
N HIS C 92 -7.23 -4.77 22.46
CA HIS C 92 -6.53 -5.73 23.30
C HIS C 92 -6.75 -7.18 23.05
N MET C 93 -7.99 -7.64 23.14
CA MET C 93 -8.30 -9.03 22.93
C MET C 93 -7.74 -9.46 21.59
N THR C 94 -7.63 -8.52 20.67
CA THR C 94 -7.09 -8.85 19.35
C THR C 94 -5.60 -9.13 19.52
N GLU C 95 -4.96 -8.28 20.31
CA GLU C 95 -3.53 -8.40 20.62
C GLU C 95 -3.24 -9.70 21.38
N PHE C 96 -3.94 -9.91 22.48
CA PHE C 96 -3.80 -11.11 23.31
C PHE C 96 -3.93 -12.33 22.42
N LEU C 97 -4.99 -12.34 21.60
CA LEU C 97 -5.26 -13.47 20.72
C LEU C 97 -4.30 -13.64 19.55
N ASN C 98 -3.56 -12.59 19.28
CA ASN C 98 -2.56 -12.60 18.21
C ASN C 98 -1.20 -13.07 18.75
N LYS C 99 -0.81 -12.55 19.91
CA LYS C 99 0.47 -12.85 20.53
C LYS C 99 0.62 -14.13 21.35
N LEU C 100 -0.48 -14.85 21.60
CA LEU C 100 -0.46 -16.11 22.38
C LEU C 100 -1.75 -16.92 22.25
N ASP C 101 -1.73 -18.11 22.83
CA ASP C 101 -2.89 -18.99 22.82
C ASP C 101 -3.55 -19.04 24.19
N PHE C 102 -4.86 -19.18 24.18
CA PHE C 102 -5.64 -19.26 25.39
C PHE C 102 -6.35 -20.60 25.40
N TYR C 103 -5.74 -21.55 26.13
CA TYR C 103 -6.23 -22.92 26.30
C TYR C 103 -7.38 -23.00 27.30
N VAL C 104 -8.60 -23.19 26.80
CA VAL C 104 -9.78 -23.26 27.65
C VAL C 104 -10.36 -24.68 27.77
N LEU C 105 -10.46 -25.16 29.01
CA LEU C 105 -11.01 -26.48 29.29
C LEU C 105 -12.34 -26.21 29.99
N PRO C 106 -13.44 -26.19 29.22
CA PRO C 106 -14.81 -25.94 29.64
C PRO C 106 -15.22 -26.69 30.90
N VAL C 107 -15.11 -28.01 30.87
CA VAL C 107 -15.48 -28.86 32.01
C VAL C 107 -14.46 -30.01 32.20
N LEU C 108 -13.75 -29.99 33.32
CA LEU C 108 -12.79 -31.03 33.62
C LEU C 108 -13.50 -32.28 34.18
N ASN C 109 -14.28 -32.07 35.24
CA ASN C 109 -15.01 -33.14 35.94
C ASN C 109 -16.41 -33.24 35.36
N ILE C 110 -16.47 -33.78 34.15
CA ILE C 110 -17.71 -33.94 33.37
C ILE C 110 -18.71 -34.90 33.99
N ASP C 111 -18.21 -36.02 34.48
CA ASP C 111 -19.09 -37.01 35.11
C ASP C 111 -19.87 -36.34 36.24
N GLY C 112 -19.14 -35.60 37.10
CA GLY C 112 -19.73 -34.91 38.24
C GLY C 112 -20.75 -33.87 37.83
N TYR C 113 -20.45 -33.13 36.78
CA TYR C 113 -21.37 -32.11 36.31
C TYR C 113 -22.68 -32.75 35.87
N ILE C 114 -22.56 -33.85 35.15
CA ILE C 114 -23.75 -34.57 34.69
C ILE C 114 -24.62 -34.96 35.88
N TYR C 115 -23.96 -35.48 36.92
CA TYR C 115 -24.60 -35.90 38.17
C TYR C 115 -25.33 -34.74 38.86
N THR C 116 -24.78 -33.52 38.81
CA THR C 116 -25.49 -32.39 39.43
C THR C 116 -26.78 -32.10 38.66
N TRP C 117 -26.77 -32.37 37.35
CA TRP C 117 -27.93 -32.14 36.51
C TRP C 117 -28.96 -33.27 36.61
N THR C 118 -28.47 -34.51 36.76
CA THR C 118 -29.30 -35.71 36.84
C THR C 118 -29.74 -36.18 38.23
N LYS C 119 -28.82 -36.22 39.20
CA LYS C 119 -29.19 -36.71 40.54
C LYS C 119 -28.92 -35.81 41.73
N ASN C 120 -27.73 -35.23 41.77
CA ASN C 120 -27.37 -34.43 42.91
C ASN C 120 -26.67 -33.09 42.60
N ARG C 121 -27.46 -32.02 42.69
CA ARG C 121 -27.03 -30.64 42.44
C ARG C 121 -25.81 -30.18 43.25
N MET C 122 -25.62 -30.77 44.44
CA MET C 122 -24.52 -30.39 45.28
C MET C 122 -23.32 -31.32 45.24
N TRP C 123 -23.28 -32.21 44.23
CA TRP C 123 -22.17 -33.12 44.09
C TRP C 123 -20.94 -32.26 43.74
N ARG C 124 -19.77 -32.66 44.22
CA ARG C 124 -18.54 -31.92 44.00
C ARG C 124 -17.43 -32.77 43.41
N LYS C 125 -17.28 -33.99 43.93
CA LYS C 125 -16.23 -34.90 43.53
C LYS C 125 -16.44 -35.53 42.19
N THR C 126 -15.47 -36.37 41.80
CA THR C 126 -15.56 -37.12 40.54
C THR C 126 -16.58 -38.24 40.83
N ARG C 127 -16.82 -39.12 39.86
CA ARG C 127 -17.78 -40.19 40.05
C ARG C 127 -17.13 -41.59 39.99
N SER C 128 -15.84 -41.67 40.26
CA SER C 128 -15.14 -42.94 40.26
C SER C 128 -15.41 -43.78 41.51
N THR C 129 -15.44 -45.09 41.33
CA THR C 129 -15.64 -46.01 42.44
C THR C 129 -14.36 -46.06 43.26
N ASN C 130 -14.53 -46.48 44.52
CA ASN C 130 -13.44 -46.60 45.48
C ASN C 130 -13.49 -48.03 45.98
N ALA C 131 -12.35 -48.55 46.37
CA ALA C 131 -12.27 -49.92 46.86
C ALA C 131 -12.58 -50.02 48.34
N GLY C 132 -13.12 -51.17 48.71
CA GLY C 132 -13.47 -51.43 50.08
C GLY C 132 -14.59 -50.55 50.58
N THR C 133 -15.40 -50.02 49.66
CA THR C 133 -16.51 -49.13 50.01
C THR C 133 -17.47 -48.83 48.87
N THR C 134 -18.67 -48.41 49.28
CA THR C 134 -19.75 -48.02 48.37
C THR C 134 -19.62 -46.51 48.05
N CYS C 135 -18.89 -45.79 48.86
CA CYS C 135 -18.68 -44.37 48.63
C CYS C 135 -17.98 -44.06 47.31
N ILE C 136 -18.56 -43.10 46.59
CA ILE C 136 -18.12 -42.66 45.28
C ILE C 136 -17.38 -41.31 45.24
N GLY C 137 -16.50 -41.21 44.25
CA GLY C 137 -15.80 -39.98 43.98
C GLY C 137 -14.59 -39.55 44.76
N THR C 138 -13.76 -38.77 44.07
CA THR C 138 -12.53 -38.20 44.62
C THR C 138 -12.58 -36.69 44.34
N ASP C 139 -12.05 -35.92 45.28
CA ASP C 139 -11.99 -34.48 45.11
C ASP C 139 -10.78 -34.23 44.17
N PRO C 140 -11.04 -33.80 42.94
CA PRO C 140 -9.97 -33.55 41.97
C PRO C 140 -9.00 -32.46 42.44
N ASN C 141 -9.46 -31.49 43.25
CA ASN C 141 -8.54 -30.44 43.71
C ASN C 141 -7.79 -30.76 45.01
N ARG C 142 -7.67 -32.05 45.30
CA ARG C 142 -6.92 -32.57 46.47
C ARG C 142 -6.15 -33.77 45.88
N ASN C 143 -6.30 -33.93 44.57
CA ASN C 143 -5.74 -35.05 43.86
C ASN C 143 -4.43 -34.76 43.12
N PHE C 144 -3.95 -33.52 43.18
CA PHE C 144 -2.68 -33.24 42.52
C PHE C 144 -1.45 -33.41 43.42
N ASP C 145 -0.29 -33.60 42.77
CA ASP C 145 1.01 -33.80 43.42
C ASP C 145 1.60 -32.53 44.04
N ALA C 146 0.88 -31.95 45.01
CA ALA C 146 1.35 -30.73 45.69
C ALA C 146 1.09 -31.00 47.16
N GLY C 147 2.16 -31.39 47.86
CA GLY C 147 2.09 -31.74 49.27
C GLY C 147 0.97 -32.72 49.47
N TRP C 148 0.71 -33.52 48.43
CA TRP C 148 -0.40 -34.44 48.42
C TRP C 148 -0.92 -35.01 49.74
N CYS C 149 -2.19 -34.75 49.97
CA CYS C 149 -2.93 -35.22 51.14
C CYS C 149 -2.27 -34.95 52.50
N THR C 150 -1.46 -33.90 52.57
CA THR C 150 -0.78 -33.57 53.81
C THR C 150 -1.61 -32.68 54.70
N THR C 151 -2.49 -31.89 54.12
CA THR C 151 -3.32 -30.99 54.93
C THR C 151 -4.65 -30.72 54.22
N GLY C 152 -5.69 -30.46 55.01
CA GLY C 152 -7.00 -30.13 54.45
C GLY C 152 -7.59 -30.99 53.36
N ALA C 153 -7.41 -32.31 53.50
CA ALA C 153 -7.92 -33.30 52.57
C ALA C 153 -8.26 -34.49 53.49
N SER C 154 -9.17 -35.34 53.03
CA SER C 154 -9.59 -36.50 53.79
C SER C 154 -9.08 -37.81 53.18
N THR C 155 -8.76 -38.76 54.06
CA THR C 155 -8.29 -40.06 53.64
C THR C 155 -9.46 -41.03 53.52
N ASP C 156 -10.67 -40.52 53.73
CA ASP C 156 -11.91 -41.32 53.67
C ASP C 156 -12.68 -41.03 52.38
N PRO C 157 -12.93 -42.09 51.56
CA PRO C 157 -13.67 -41.98 50.29
C PRO C 157 -15.03 -41.34 50.43
N CYS C 158 -15.68 -41.58 51.57
CA CYS C 158 -16.99 -41.03 51.87
C CYS C 158 -17.00 -39.54 52.14
N ASP C 159 -15.83 -38.90 52.12
CA ASP C 159 -15.79 -37.47 52.40
C ASP C 159 -15.66 -36.60 51.16
N GLU C 160 -16.24 -35.40 51.20
CA GLU C 160 -16.22 -34.45 50.10
C GLU C 160 -14.85 -34.05 49.59
N THR C 161 -13.86 -34.17 50.45
CA THR C 161 -12.50 -33.78 50.13
C THR C 161 -11.56 -34.95 50.10
N TYR C 162 -12.08 -36.14 49.87
CA TYR C 162 -11.20 -37.31 49.80
C TYR C 162 -10.05 -37.02 48.80
N CYS C 163 -8.80 -37.35 49.17
CA CYS C 163 -7.64 -37.07 48.31
C CYS C 163 -7.30 -38.09 47.21
N GLY C 164 -8.02 -39.20 47.22
CA GLY C 164 -7.76 -40.24 46.23
C GLY C 164 -6.77 -41.30 46.75
N SER C 165 -6.66 -42.41 46.03
CA SER C 165 -5.73 -43.46 46.44
C SER C 165 -4.26 -43.04 46.32
N ALA C 166 -4.01 -42.06 45.45
CA ALA C 166 -2.69 -41.51 45.20
C ALA C 166 -2.87 -40.27 44.33
N ALA C 167 -1.88 -39.37 44.32
CA ALA C 167 -1.98 -38.15 43.51
C ALA C 167 -2.11 -38.52 42.03
N GLU C 168 -3.11 -37.94 41.37
CA GLU C 168 -3.39 -38.18 39.96
C GLU C 168 -4.10 -39.51 39.67
N SER C 169 -4.61 -40.16 40.71
CA SER C 169 -5.33 -41.43 40.56
C SER C 169 -6.59 -41.32 39.70
N GLU C 170 -7.11 -40.10 39.57
CA GLU C 170 -8.31 -39.83 38.76
C GLU C 170 -7.95 -39.60 37.29
N LYS C 171 -8.68 -40.24 36.39
CA LYS C 171 -8.40 -40.11 34.96
C LYS C 171 -8.37 -38.65 34.54
N GLU C 172 -9.24 -37.86 35.17
CA GLU C 172 -9.35 -36.45 34.81
C GLU C 172 -8.16 -35.63 35.26
N THR C 173 -7.62 -35.94 36.43
CA THR C 173 -6.51 -35.17 36.95
C THR C 173 -5.18 -35.54 36.25
N LYS C 174 -5.09 -36.80 35.84
CA LYS C 174 -3.92 -37.31 35.14
C LYS C 174 -3.93 -36.65 33.77
N ALA C 175 -5.08 -36.58 33.16
CA ALA C 175 -5.23 -35.94 31.86
C ALA C 175 -4.75 -34.49 31.92
N LEU C 176 -5.26 -33.74 32.87
CA LEU C 176 -4.87 -32.35 33.02
C LEU C 176 -3.37 -32.24 33.33
N ALA C 177 -2.91 -33.07 34.26
CA ALA C 177 -1.51 -33.07 34.65
C ALA C 177 -0.62 -33.39 33.45
N ASP C 178 -1.01 -34.41 32.69
CA ASP C 178 -0.27 -34.84 31.51
C ASP C 178 -0.11 -33.74 30.47
N PHE C 179 -1.23 -33.15 30.07
CA PHE C 179 -1.22 -32.09 29.10
C PHE C 179 -0.41 -30.86 29.51
N ILE C 180 -0.52 -30.41 30.75
CA ILE C 180 0.25 -29.23 31.17
C ILE C 180 1.75 -29.56 31.18
N ARG C 181 2.10 -30.75 31.69
CA ARG C 181 3.49 -31.16 31.71
C ARG C 181 4.03 -31.21 30.29
N ASN C 182 3.15 -31.55 29.35
CA ASN C 182 3.54 -31.61 27.95
C ASN C 182 3.69 -30.27 27.24
N ASN C 183 3.32 -29.18 27.90
CA ASN C 183 3.36 -27.86 27.28
C ASN C 183 3.91 -26.79 28.21
N LEU C 184 4.83 -27.19 29.09
CA LEU C 184 5.44 -26.26 30.05
C LEU C 184 6.24 -25.11 29.44
N SER C 185 6.90 -25.35 28.31
CA SER C 185 7.70 -24.29 27.67
C SER C 185 6.85 -23.11 27.22
N SER C 186 5.61 -23.38 26.83
CA SER C 186 4.70 -22.32 26.39
C SER C 186 3.77 -21.78 27.48
N ILE C 187 3.05 -22.68 28.16
CA ILE C 187 2.11 -22.23 29.19
C ILE C 187 2.80 -21.30 30.18
N LYS C 188 2.43 -20.03 30.16
CA LYS C 188 3.07 -19.07 31.04
C LYS C 188 2.20 -18.74 32.22
N ALA C 189 0.93 -19.11 32.12
CA ALA C 189 -0.02 -18.86 33.19
C ALA C 189 -1.01 -20.00 33.28
N TYR C 190 -1.52 -20.19 34.49
CA TYR C 190 -2.49 -21.22 34.77
C TYR C 190 -3.59 -20.58 35.60
N LEU C 191 -4.82 -20.65 35.11
CA LEU C 191 -5.98 -20.08 35.78
C LEU C 191 -7.04 -21.18 35.94
N THR C 192 -7.42 -21.44 37.18
CA THR C 192 -8.41 -22.47 37.46
C THR C 192 -9.63 -21.79 38.09
N ILE C 193 -10.80 -21.98 37.48
CA ILE C 193 -12.03 -21.33 37.93
C ILE C 193 -12.91 -22.14 38.84
N HIS C 194 -13.25 -21.53 39.98
CA HIS C 194 -14.06 -22.15 41.02
C HIS C 194 -15.10 -21.16 41.54
N SER C 195 -16.01 -21.66 42.38
CA SER C 195 -17.01 -20.80 43.03
C SER C 195 -17.34 -21.51 44.36
N TYR C 196 -17.81 -20.79 45.39
CA TYR C 196 -18.03 -19.34 45.42
C TYR C 196 -17.09 -18.75 46.48
N SER C 197 -17.22 -17.45 46.79
CA SER C 197 -16.40 -16.71 47.79
C SER C 197 -15.93 -15.32 47.40
N GLN C 198 -15.65 -15.12 46.10
CA GLN C 198 -15.13 -13.85 45.56
C GLN C 198 -13.72 -13.64 46.09
N MET C 199 -12.81 -14.50 45.64
CA MET C 199 -11.40 -14.47 46.02
C MET C 199 -10.52 -14.78 44.84
N ILE C 200 -9.29 -14.27 44.90
CA ILE C 200 -8.27 -14.56 43.89
C ILE C 200 -7.10 -15.10 44.73
N LEU C 201 -6.82 -16.38 44.55
CA LEU C 201 -5.79 -17.04 45.31
C LEU C 201 -4.62 -17.45 44.48
N TYR C 202 -3.45 -17.37 45.10
CA TYR C 202 -2.21 -17.81 44.44
C TYR C 202 -1.54 -18.69 45.52
N PRO C 203 -0.50 -19.46 45.14
CA PRO C 203 0.18 -20.33 46.12
C PRO C 203 0.61 -19.60 47.45
N TYR C 204 0.71 -20.34 48.56
CA TYR C 204 0.45 -21.78 48.58
C TYR C 204 -0.73 -22.12 49.41
N SER C 205 -1.30 -23.29 49.09
CA SER C 205 -2.43 -23.81 49.82
C SER C 205 -2.01 -25.03 50.66
N TYR C 206 -1.04 -25.81 50.18
CA TYR C 206 -0.61 -27.00 50.93
C TYR C 206 0.33 -26.71 52.07
N ASP C 207 0.91 -25.53 52.06
CA ASP C 207 1.82 -25.12 53.11
C ASP C 207 1.75 -23.62 53.30
N TYR C 208 2.01 -23.16 54.53
CA TYR C 208 1.98 -21.74 54.82
C TYR C 208 3.11 -20.95 54.16
N LYS C 209 4.12 -21.64 53.65
CA LYS C 209 5.22 -20.97 52.99
C LYS C 209 4.67 -20.12 51.85
N LEU C 210 5.44 -19.11 51.46
CA LEU C 210 5.07 -18.20 50.38
C LEU C 210 5.95 -18.48 49.16
N PRO C 211 5.37 -18.34 47.95
CA PRO C 211 6.12 -18.59 46.70
C PRO C 211 7.12 -17.46 46.51
N GLU C 212 8.24 -17.77 45.89
CA GLU C 212 9.30 -16.80 45.65
C GLU C 212 8.84 -15.42 45.21
N ASN C 213 7.86 -15.37 44.31
CA ASN C 213 7.35 -14.10 43.78
C ASN C 213 6.02 -13.65 44.39
N ASN C 214 5.81 -13.99 45.66
CA ASN C 214 4.58 -13.66 46.37
C ASN C 214 4.18 -12.15 46.41
N ALA C 215 5.17 -11.26 46.29
CA ALA C 215 4.89 -9.81 46.29
C ALA C 215 4.37 -9.37 44.92
N GLU C 216 4.98 -9.91 43.86
CA GLU C 216 4.59 -9.63 42.48
C GLU C 216 3.16 -10.14 42.32
N LEU C 217 2.94 -11.38 42.76
CA LEU C 217 1.63 -12.02 42.69
C LEU C 217 0.62 -11.31 43.56
N ASN C 218 1.06 -10.78 44.69
CA ASN C 218 0.13 -10.07 45.57
C ASN C 218 -0.32 -8.78 44.90
N ASN C 219 0.62 -8.07 44.29
CA ASN C 219 0.28 -6.84 43.58
C ASN C 219 -0.71 -7.16 42.46
N LEU C 220 -0.33 -8.09 41.58
CA LEU C 220 -1.16 -8.53 40.47
C LEU C 220 -2.59 -8.87 40.98
N ALA C 221 -2.69 -9.68 42.05
CA ALA C 221 -3.99 -10.05 42.59
C ALA C 221 -4.80 -8.85 43.09
N LYS C 222 -4.15 -7.88 43.74
CA LYS C 222 -4.84 -6.68 44.22
C LYS C 222 -5.35 -5.82 43.06
N ALA C 223 -4.51 -5.70 42.03
CA ALA C 223 -4.82 -4.91 40.83
C ALA C 223 -6.04 -5.47 40.10
N ALA C 224 -6.01 -6.79 39.87
CA ALA C 224 -7.06 -7.52 39.17
C ALA C 224 -8.39 -7.46 39.92
N VAL C 225 -8.34 -7.47 41.25
CA VAL C 225 -9.57 -7.41 42.05
C VAL C 225 -10.14 -6.00 42.06
N LYS C 226 -9.26 -5.04 41.76
CA LYS C 226 -9.62 -3.63 41.67
C LYS C 226 -10.31 -3.50 40.30
N GLU C 227 -9.59 -3.93 39.27
CA GLU C 227 -10.07 -3.95 37.90
C GLU C 227 -11.45 -4.64 37.89
N LEU C 228 -11.54 -5.83 38.47
CA LEU C 228 -12.82 -6.54 38.51
C LEU C 228 -13.93 -5.71 39.18
N ALA C 229 -13.57 -5.02 40.27
CA ALA C 229 -14.54 -4.22 41.03
C ALA C 229 -15.10 -3.00 40.32
N THR C 230 -14.46 -2.60 39.23
CA THR C 230 -14.89 -1.42 38.48
C THR C 230 -16.35 -1.47 38.03
N LEU C 231 -16.70 -2.49 37.27
CA LEU C 231 -18.05 -2.63 36.73
C LEU C 231 -19.24 -2.45 37.67
N TYR C 232 -19.38 -3.35 38.63
CA TYR C 232 -20.54 -3.30 39.52
C TYR C 232 -20.21 -3.18 41.01
N GLY C 233 -18.94 -3.01 41.33
CA GLY C 233 -18.57 -2.89 42.72
C GLY C 233 -18.53 -4.18 43.54
N THR C 234 -18.27 -5.29 42.88
CA THR C 234 -18.19 -6.55 43.59
C THR C 234 -16.83 -6.61 44.33
N LYS C 235 -16.93 -6.88 45.63
CA LYS C 235 -15.80 -7.00 46.55
C LYS C 235 -15.02 -8.32 46.46
N TYR C 236 -13.73 -8.26 46.12
CA TYR C 236 -12.88 -9.44 46.05
C TYR C 236 -11.66 -9.46 47.00
N THR C 237 -11.59 -10.49 47.84
CA THR C 237 -10.45 -10.65 48.75
C THR C 237 -9.41 -11.38 47.89
N TYR C 238 -8.16 -11.42 48.31
CA TYR C 238 -7.14 -12.10 47.51
C TYR C 238 -5.94 -12.40 48.43
N GLY C 239 -5.02 -13.26 47.97
CA GLY C 239 -3.84 -13.61 48.76
C GLY C 239 -3.46 -15.07 48.59
N PRO C 240 -2.44 -15.55 49.33
CA PRO C 240 -2.01 -16.95 49.24
C PRO C 240 -3.07 -17.89 49.85
N GLY C 241 -3.34 -18.99 49.15
CA GLY C 241 -4.35 -19.94 49.58
C GLY C 241 -4.49 -20.28 51.04
N ALA C 242 -3.41 -20.79 51.62
CA ALA C 242 -3.38 -21.25 52.99
C ALA C 242 -4.02 -20.28 53.99
N THR C 243 -3.61 -19.02 53.93
CA THR C 243 -4.18 -18.06 54.86
C THR C 243 -5.42 -17.35 54.38
N THR C 244 -5.56 -17.18 53.07
CA THR C 244 -6.72 -16.48 52.53
C THR C 244 -8.00 -17.29 52.58
N ILE C 245 -7.93 -18.52 52.05
CA ILE C 245 -9.10 -19.40 52.04
C ILE C 245 -8.88 -20.47 53.10
N TYR C 246 -7.91 -21.34 52.89
CA TYR C 246 -7.58 -22.39 53.84
C TYR C 246 -6.57 -23.35 53.28
N PRO C 247 -5.88 -24.07 54.19
CA PRO C 247 -4.88 -25.05 53.76
C PRO C 247 -5.66 -26.19 53.15
N ALA C 248 -5.16 -26.67 52.02
CA ALA C 248 -5.77 -27.77 51.28
C ALA C 248 -4.69 -28.17 50.33
N ALA C 249 -4.05 -29.30 50.60
CA ALA C 249 -2.98 -29.82 49.76
C ALA C 249 -3.58 -30.46 48.53
N GLY C 250 -2.72 -30.84 47.59
CA GLY C 250 -3.18 -31.49 46.36
C GLY C 250 -3.88 -30.63 45.28
N GLY C 251 -3.76 -29.30 45.37
CA GLY C 251 -4.39 -28.43 44.40
C GLY C 251 -3.59 -28.28 43.12
N SER C 252 -4.30 -28.10 42.00
CA SER C 252 -3.66 -27.96 40.70
C SER C 252 -2.90 -26.65 40.57
N ASP C 253 -3.37 -25.60 41.26
CA ASP C 253 -2.72 -24.29 41.24
C ASP C 253 -1.33 -24.33 41.91
N ASP C 254 -1.21 -25.13 42.98
CA ASP C 254 0.07 -25.26 43.66
C ASP C 254 0.95 -26.16 42.82
N TRP C 255 0.35 -27.16 42.22
CA TRP C 255 1.08 -28.09 41.39
C TRP C 255 1.64 -27.40 40.15
N ALA C 256 0.83 -26.58 39.48
CA ALA C 256 1.27 -25.87 38.28
C ALA C 256 2.37 -24.88 38.65
N TYR C 257 2.17 -24.11 39.71
CA TYR C 257 3.20 -23.17 40.14
C TYR C 257 4.55 -23.86 40.28
N ASP C 258 4.58 -24.90 41.10
CA ASP C 258 5.80 -25.66 41.34
C ASP C 258 6.29 -26.37 40.09
N GLN C 259 5.53 -26.30 39.02
CA GLN C 259 5.96 -26.89 37.76
C GLN C 259 6.76 -25.82 37.03
N GLY C 260 6.66 -24.58 37.51
CA GLY C 260 7.37 -23.49 36.90
C GLY C 260 6.48 -22.33 36.42
N ILE C 261 5.16 -22.53 36.41
CA ILE C 261 4.24 -21.48 35.99
C ILE C 261 4.11 -20.51 37.14
N LYS C 262 4.80 -19.38 37.01
CA LYS C 262 4.86 -18.33 38.03
C LYS C 262 3.57 -17.54 38.37
N TYR C 263 2.65 -17.52 37.41
CA TYR C 263 1.37 -16.82 37.56
C TYR C 263 0.30 -17.90 37.50
N SER C 264 -0.09 -18.38 38.69
CA SER C 264 -1.05 -19.45 38.82
C SER C 264 -2.06 -18.99 39.87
N PHE C 265 -3.33 -18.89 39.46
CA PHE C 265 -4.39 -18.42 40.37
C PHE C 265 -5.65 -19.26 40.35
N THR C 266 -6.35 -19.26 41.48
CA THR C 266 -7.62 -19.94 41.61
C THR C 266 -8.60 -18.79 41.82
N PHE C 267 -9.68 -18.79 41.05
CA PHE C 267 -10.68 -17.76 41.18
C PHE C 267 -11.88 -18.38 41.85
N GLU C 268 -12.40 -17.70 42.85
CA GLU C 268 -13.59 -18.17 43.53
C GLU C 268 -14.60 -17.09 43.23
N LEU C 269 -15.47 -17.36 42.26
CA LEU C 269 -16.46 -16.37 41.83
C LEU C 269 -17.61 -16.15 42.78
N ARG C 270 -18.62 -15.43 42.32
CA ARG C 270 -19.80 -15.14 43.13
C ARG C 270 -20.45 -16.43 43.66
N ASP C 271 -21.08 -16.33 44.82
CA ASP C 271 -21.14 -15.08 45.56
C ASP C 271 -20.40 -15.20 46.87
N LYS C 272 -21.02 -14.71 47.94
CA LYS C 272 -20.42 -14.79 49.25
C LYS C 272 -21.22 -15.73 50.14
N GLY C 273 -22.27 -16.31 49.61
CA GLY C 273 -23.04 -17.25 50.40
C GLY C 273 -24.51 -17.09 50.25
N ARG C 274 -24.94 -15.90 49.79
CA ARG C 274 -26.36 -15.61 49.59
C ARG C 274 -27.01 -16.76 48.83
N TYR C 275 -26.46 -17.06 47.65
CA TYR C 275 -26.96 -18.14 46.84
C TYR C 275 -25.97 -19.28 46.78
N GLY C 276 -24.69 -18.96 47.05
CA GLY C 276 -23.64 -19.96 47.06
C GLY C 276 -23.36 -20.62 45.73
N PHE C 277 -23.41 -21.95 45.70
CA PHE C 277 -23.17 -22.73 44.49
C PHE C 277 -24.30 -22.57 43.47
N ILE C 278 -25.51 -22.41 43.96
CA ILE C 278 -26.70 -22.27 43.13
C ILE C 278 -26.92 -20.81 42.74
N LEU C 279 -25.91 -20.21 42.15
CA LEU C 279 -25.99 -18.82 41.71
C LEU C 279 -27.09 -18.73 40.65
N PRO C 280 -28.00 -17.78 40.82
CA PRO C 280 -29.11 -17.57 39.90
C PRO C 280 -28.65 -17.15 38.49
N GLU C 281 -29.22 -17.81 37.47
CA GLU C 281 -28.89 -17.58 36.05
C GLU C 281 -28.89 -16.10 35.72
N SER C 282 -29.82 -15.38 36.33
CA SER C 282 -29.94 -13.93 36.15
C SER C 282 -28.56 -13.29 36.32
N GLN C 283 -27.76 -13.82 37.25
CA GLN C 283 -26.42 -13.30 37.55
C GLN C 283 -25.23 -13.76 36.67
N ILE C 284 -25.47 -14.70 35.76
CA ILE C 284 -24.39 -15.22 34.91
C ILE C 284 -23.69 -14.08 34.19
N GLN C 285 -24.46 -13.34 33.39
CA GLN C 285 -23.92 -12.22 32.64
C GLN C 285 -23.03 -11.26 33.43
N ALA C 286 -23.57 -10.65 34.47
CA ALA C 286 -22.79 -9.70 35.28
C ALA C 286 -21.54 -10.32 35.92
N THR C 287 -21.71 -11.52 36.48
CA THR C 287 -20.60 -12.23 37.13
C THR C 287 -19.50 -12.43 36.09
N CYS C 288 -19.89 -12.91 34.91
CA CYS C 288 -18.96 -13.18 33.81
C CYS C 288 -18.28 -11.93 33.25
N GLU C 289 -19.00 -10.80 33.19
CA GLU C 289 -18.44 -9.54 32.70
C GLU C 289 -17.37 -9.00 33.63
N GLU C 290 -17.66 -8.94 34.93
CA GLU C 290 -16.64 -8.45 35.87
C GLU C 290 -15.41 -9.37 35.88
N THR C 291 -15.64 -10.67 35.92
CA THR C 291 -14.57 -11.64 35.89
C THR C 291 -13.66 -11.49 34.64
N MET C 292 -14.25 -11.19 33.48
CA MET C 292 -13.50 -10.99 32.23
C MET C 292 -12.42 -9.92 32.38
N LEU C 293 -12.77 -8.84 33.09
CA LEU C 293 -11.85 -7.73 33.32
C LEU C 293 -10.63 -8.25 34.07
N ALA C 294 -10.84 -8.98 35.17
CA ALA C 294 -9.73 -9.53 35.96
C ALA C 294 -8.85 -10.46 35.14
N ILE C 295 -9.48 -11.32 34.35
CA ILE C 295 -8.77 -12.28 33.51
C ILE C 295 -7.86 -11.62 32.47
N LYS C 296 -8.41 -10.62 31.78
CA LYS C 296 -7.70 -9.85 30.75
C LYS C 296 -6.60 -8.98 31.40
N TYR C 297 -6.87 -8.50 32.60
CA TYR C 297 -5.90 -7.71 33.35
C TYR C 297 -4.66 -8.58 33.56
N VAL C 298 -4.92 -9.79 34.04
CA VAL C 298 -3.87 -10.78 34.27
C VAL C 298 -3.27 -11.22 32.94
N THR C 299 -4.10 -11.31 31.91
CA THR C 299 -3.60 -11.74 30.60
C THR C 299 -2.67 -10.70 29.98
N ASN C 300 -2.94 -9.42 30.23
CA ASN C 300 -2.10 -8.36 29.67
C ASN C 300 -0.77 -8.39 30.40
N TYR C 301 -0.84 -8.60 31.71
CA TYR C 301 0.33 -8.66 32.58
C TYR C 301 1.28 -9.76 32.15
N VAL C 302 0.73 -10.92 31.85
CA VAL C 302 1.54 -12.05 31.42
C VAL C 302 2.22 -11.72 30.11
N LEU C 303 1.46 -11.18 29.15
CA LEU C 303 1.99 -10.81 27.83
C LEU C 303 3.35 -10.15 27.93
N GLY C 304 3.42 -9.12 28.78
CA GLY C 304 4.67 -8.39 28.98
C GLY C 304 5.75 -9.19 29.66
N HIS C 305 5.32 -10.10 30.53
CA HIS C 305 6.22 -10.94 31.29
C HIS C 305 6.29 -12.33 30.64
ZN ZN D . 1.21 19.37 -29.76
S L06 E . 1.68 21.20 -28.69
C1 L06 E . 2.43 22.32 -29.89
C2 L06 E . 3.60 23.18 -29.30
C3 L06 E . 3.97 24.47 -30.17
C4 L06 E . 3.96 24.22 -31.71
C5 L06 E . 4.37 25.46 -32.58
N6 L06 E . 5.62 25.22 -33.22
C7 L06 E . 6.78 25.05 -32.59
N8 L06 E . 7.86 24.83 -33.35
N9 L06 E . 6.89 25.21 -31.23
C10 L06 E . 4.76 22.28 -29.10
O11 L06 E . 5.24 21.53 -30.03
O12 L06 E . 5.27 22.19 -27.95
ZN ZN F . 3.48 2.19 4.53
S L06 G . 3.00 0.82 6.55
C1 L06 G . 4.41 -0.16 7.14
C2 L06 G . 4.01 -1.64 7.34
C3 L06 G . 5.16 -2.54 7.99
C4 L06 G . 6.62 -2.20 7.55
C5 L06 G . 7.72 -2.93 8.39
N6 L06 G . 8.46 -3.85 7.57
C7 L06 G . 7.97 -4.97 6.95
N8 L06 G . 8.79 -5.73 6.20
N9 L06 G . 6.65 -5.33 7.07
C10 L06 G . 3.54 -2.24 6.05
O11 L06 G . 4.32 -2.36 5.08
O12 L06 G . 2.37 -2.62 5.88
ZN ZN H . -14.10 -25.60 43.78
S L06 I . -13.77 -24.74 45.98
C1 L06 I . -12.05 -24.30 45.59
C2 L06 I . -11.03 -24.56 46.74
C3 L06 I . -9.62 -24.02 46.36
C4 L06 I . -8.79 -23.51 47.58
C5 L06 I . -7.54 -22.68 47.12
N6 L06 I . -6.65 -23.48 46.31
C7 L06 I . -6.17 -24.70 46.66
N8 L06 I . -5.32 -25.39 45.85
N9 L06 I . -6.52 -25.21 47.85
C10 L06 I . -10.94 -26.02 47.04
O11 L06 I . -10.62 -26.89 46.17
O12 L06 I . -11.20 -26.41 48.19
#